data_1IGZ
#
_entry.id   1IGZ
#
_cell.length_a   182.05
_cell.length_b   182.05
_cell.length_c   103.65
_cell.angle_alpha   90.0
_cell.angle_beta   90.0
_cell.angle_gamma   120.0
#
_symmetry.space_group_name_H-M   'P 65 2 2'
#
loop_
_entity.id
_entity.type
_entity.pdbx_description
1 polymer 'Prostaglandin Endoperoxide H Synthase-1'
2 branched 2-acetamido-2-deoxy-alpha-D-glucopyranose-(1-4)-2-acetamido-2-deoxy-beta-D-glucopyranose
3 branched alpha-D-mannopyranose-(1-3)-beta-D-mannopyranose-(1-6)-beta-D-mannopyranose-(1-4)-2-acetamido-2-deoxy-beta-D-glucopyranose-(1-4)-2-acetamido-2-deoxy-beta-D-glucopyranose
4 branched 2-acetamido-2-deoxy-beta-D-glucopyranose-(1-4)-2-acetamido-2-deoxy-beta-D-glucopyranose
5 non-polymer beta-D-glucopyranose
6 non-polymer 'octyl beta-D-glucopyranoside'
7 non-polymer 'PROTOPORPHYRIN IX CONTAINING CO'
8 non-polymer 'LINOLEIC ACID'
9 water water
#
_entity_poly.entity_id   1
_entity_poly.type   'polypeptide(L)'
_entity_poly.pdbx_seq_one_letter_code
;ADPGAPAPVNPCCYYPCQHQGICVRFGLDRYQCDCTRTGYSGPNCTIPEIWTWLRTTLRPSPSFIHFLLTHGRWLWDFVN
ATFIRDTLMRLVLTVRSNLIPSPPTYNIAHDYISWESFSNVSYYTRILPSVPRDCPTPMGTKGKKQLPDAEFLSRRFLLR
RKFIPDPQGTNLMFAFFAQHFTHQFFKTSGKMGPGFTKALGHGVDLGHIYGDNLERQYQLRLFKDGKLKYQMLNGEVYPP
SVEEAPVLMHYPRGIPPQSQMAVGQEVFGLLPGLMLYATIWLREHNRVCDLLKAEHPTWGDEQLFQTARLILIGETIKIV
IEEYVQQLSGYFLQLKFDPELLFGAQFQYRNRIAMEFNQLYHWHPLMPDSFRVGPQDYSYEQFLFNTSMLVDYGVEALVD
AFSRQPAGRIGGGRNIDHHILHVAVDVIKESRVLRLQPFNEYRKRFGMKPYTSFQELTGEKEMAAELEELYGDIDALEFY
PGLLLEKCHPNSIFGESMIEMGAPFSLKGLLGNPICSPEYWKASTFGGEVGFNLVKTATLKKLVCLNTKTCPYVSFHVPD
PRQEDRPGVERPPTEL
;
_entity_poly.pdbx_strand_id   A
#
loop_
_chem_comp.id
_chem_comp.type
_chem_comp.name
_chem_comp.formula
BGC D-saccharide, beta linking beta-D-glucopyranose 'C6 H12 O6'
BMA D-saccharide, beta linking beta-D-mannopyranose 'C6 H12 O6'
BOG D-saccharide 'octyl beta-D-glucopyranoside' 'C14 H28 O6'
COH non-polymer 'PROTOPORPHYRIN IX CONTAINING CO' 'C34 H32 Co N4 O4'
EIC non-polymer 'LINOLEIC ACID' 'C18 H32 O2'
MAN D-saccharide, alpha linking alpha-D-mannopyranose 'C6 H12 O6'
NAG D-saccharide, beta linking 2-acetamido-2-deoxy-beta-D-glucopyranose 'C8 H15 N O6'
NDG D-saccharide, alpha linking 2-acetamido-2-deoxy-alpha-D-glucopyranose 'C8 H15 N O6'
#
# COMPACT_ATOMS: atom_id res chain seq x y z
N PRO A 8 6.47 6.16 -39.67
CA PRO A 8 7.71 5.52 -39.13
C PRO A 8 7.50 5.16 -37.66
N VAL A 9 7.50 3.85 -37.34
CA VAL A 9 7.29 3.40 -35.95
C VAL A 9 8.17 4.03 -34.88
N ASN A 10 7.53 4.58 -33.85
CA ASN A 10 8.23 5.20 -32.73
C ASN A 10 9.11 4.15 -32.08
N PRO A 11 10.43 4.20 -32.34
CA PRO A 11 11.36 3.23 -31.78
C PRO A 11 11.18 2.95 -30.30
N CYS A 12 10.97 3.96 -29.48
CA CYS A 12 10.80 3.67 -28.06
C CYS A 12 9.65 2.73 -27.80
N CYS A 13 8.96 2.32 -28.86
CA CYS A 13 7.82 1.41 -28.76
C CYS A 13 8.29 0.01 -28.44
N TYR A 14 9.56 -0.25 -28.69
CA TYR A 14 10.14 -1.55 -28.44
C TYR A 14 10.84 -1.59 -27.08
N TYR A 15 11.04 -0.43 -26.48
CA TYR A 15 11.72 -0.35 -25.21
C TYR A 15 13.14 -0.89 -25.40
N PRO A 16 13.91 -0.25 -26.28
CA PRO A 16 15.28 -0.67 -26.56
C PRO A 16 16.23 -0.44 -25.39
N CYS A 17 15.96 0.57 -24.58
CA CYS A 17 16.85 0.85 -23.46
C CYS A 17 16.67 -0.15 -22.35
N GLN A 18 17.80 -0.55 -21.77
CA GLN A 18 17.81 -1.51 -20.68
C GLN A 18 18.39 -0.92 -19.41
N HIS A 19 18.04 -1.54 -18.30
CA HIS A 19 18.52 -1.15 -16.99
C HIS A 19 18.23 0.26 -16.59
N GLN A 20 17.04 0.73 -16.96
CA GLN A 20 16.61 2.06 -16.60
C GLN A 20 17.22 3.16 -17.43
N GLY A 21 17.56 2.84 -18.67
CA GLY A 21 18.12 3.85 -19.54
C GLY A 21 16.97 4.64 -20.13
N ILE A 22 17.09 5.95 -20.15
CA ILE A 22 16.04 6.79 -20.70
C ILE A 22 16.02 6.84 -22.23
N CYS A 23 14.89 6.44 -22.81
CA CYS A 23 14.70 6.42 -24.26
C CYS A 23 14.32 7.80 -24.77
N VAL A 24 15.01 8.24 -25.82
CA VAL A 24 14.76 9.57 -26.38
C VAL A 24 14.90 9.67 -27.88
N ARG A 25 13.82 10.13 -28.51
CA ARG A 25 13.75 10.31 -29.94
C ARG A 25 14.63 11.44 -30.43
N PHE A 26 15.38 11.14 -31.48
CA PHE A 26 16.25 12.11 -32.12
C PHE A 26 15.91 12.07 -33.61
N GLY A 27 15.80 13.26 -34.21
CA GLY A 27 15.45 13.32 -35.61
C GLY A 27 14.03 12.82 -35.83
N LEU A 28 13.77 12.24 -37.00
CA LEU A 28 12.43 11.74 -37.32
C LEU A 28 12.26 10.26 -37.03
N ASP A 29 13.33 9.49 -37.16
CA ASP A 29 13.24 8.04 -36.96
C ASP A 29 14.22 7.35 -36.03
N ARG A 30 15.11 8.11 -35.40
CA ARG A 30 16.11 7.50 -34.51
C ARG A 30 15.76 7.71 -33.05
N TYR A 31 16.60 7.14 -32.19
CA TYR A 31 16.45 7.25 -30.74
C TYR A 31 17.83 7.08 -30.10
N GLN A 32 17.89 7.35 -28.80
CA GLN A 32 19.12 7.21 -28.05
C GLN A 32 18.78 6.90 -26.60
N CYS A 33 19.61 6.08 -25.97
CA CYS A 33 19.40 5.75 -24.58
C CYS A 33 20.38 6.56 -23.75
N ASP A 34 19.91 7.04 -22.61
CA ASP A 34 20.72 7.83 -21.70
C ASP A 34 21.06 6.85 -20.60
N CYS A 35 22.15 6.14 -20.78
CA CYS A 35 22.53 5.15 -19.82
C CYS A 35 23.18 5.75 -18.59
N THR A 36 23.20 7.07 -18.51
CA THR A 36 23.80 7.73 -17.36
C THR A 36 23.47 7.03 -16.03
N ARG A 37 24.49 6.85 -15.19
CA ARG A 37 24.36 6.21 -13.88
C ARG A 37 23.50 4.97 -13.79
N THR A 38 23.43 4.23 -14.88
CA THR A 38 22.64 3.00 -14.90
C THR A 38 23.55 1.81 -14.64
N GLY A 39 24.85 2.07 -14.57
CA GLY A 39 25.80 1.00 -14.35
C GLY A 39 26.20 0.36 -15.65
N TYR A 40 25.54 0.73 -16.74
CA TYR A 40 25.86 0.16 -18.05
C TYR A 40 26.18 1.25 -19.04
N SER A 41 26.65 0.83 -20.20
CA SER A 41 26.97 1.75 -21.27
C SER A 41 26.59 1.00 -22.53
N GLY A 42 26.68 1.67 -23.67
CA GLY A 42 26.32 1.02 -24.93
C GLY A 42 25.02 1.54 -25.49
N PRO A 43 24.73 1.29 -26.78
CA PRO A 43 23.52 1.73 -27.47
C PRO A 43 22.24 1.61 -26.66
N ASN A 44 22.08 0.51 -25.92
CA ASN A 44 20.87 0.30 -25.13
C ASN A 44 21.13 0.00 -23.65
N CYS A 45 22.31 0.35 -23.17
CA CYS A 45 22.70 0.10 -21.77
C CYS A 45 22.73 -1.40 -21.58
N THR A 46 23.59 -2.05 -22.35
CA THR A 46 23.70 -3.49 -22.31
C THR A 46 25.11 -3.96 -21.97
N ILE A 47 26.03 -3.03 -21.76
CA ILE A 47 27.41 -3.37 -21.45
C ILE A 47 27.76 -2.95 -20.03
N PRO A 48 27.75 -3.91 -19.11
CA PRO A 48 28.04 -3.76 -17.68
C PRO A 48 29.41 -3.20 -17.34
N GLU A 49 29.45 -2.15 -16.53
CA GLU A 49 30.72 -1.57 -16.14
C GLU A 49 31.38 -2.65 -15.30
N ILE A 50 32.69 -2.53 -15.16
CA ILE A 50 33.48 -3.51 -14.43
C ILE A 50 32.83 -4.04 -13.14
N TRP A 51 32.29 -3.14 -12.31
CA TRP A 51 31.67 -3.56 -11.06
C TRP A 51 30.26 -4.13 -11.19
N THR A 52 29.47 -3.52 -12.05
CA THR A 52 28.10 -3.98 -12.28
C THR A 52 28.21 -5.45 -12.61
N TRP A 53 29.17 -5.75 -13.47
CA TRP A 53 29.44 -7.11 -13.90
C TRP A 53 29.68 -7.98 -12.68
N LEU A 54 30.57 -7.51 -11.80
CA LEU A 54 30.82 -8.25 -10.57
C LEU A 54 29.50 -8.40 -9.85
N ARG A 55 28.85 -7.27 -9.64
CA ARG A 55 27.58 -7.23 -8.95
C ARG A 55 26.60 -8.25 -9.49
N THR A 56 26.26 -8.12 -10.76
CA THR A 56 25.29 -9.03 -11.36
C THR A 56 25.66 -10.49 -11.46
N THR A 57 26.95 -10.83 -11.29
CA THR A 57 27.37 -12.23 -11.33
C THR A 57 27.27 -12.84 -9.93
N LEU A 58 27.61 -12.05 -8.91
CA LEU A 58 27.55 -12.50 -7.53
C LEU A 58 26.15 -12.38 -6.90
N ARG A 59 25.27 -11.60 -7.53
CA ARG A 59 23.93 -11.40 -6.98
C ARG A 59 23.04 -12.63 -7.13
N PRO A 60 22.59 -13.21 -6.00
CA PRO A 60 21.73 -14.38 -6.01
C PRO A 60 20.33 -14.01 -6.50
N SER A 61 19.54 -15.01 -6.87
CA SER A 61 18.20 -14.76 -7.36
C SER A 61 17.28 -14.36 -6.22
N PRO A 62 16.25 -13.55 -6.53
CA PRO A 62 15.30 -13.10 -5.53
C PRO A 62 14.63 -14.32 -4.91
N SER A 63 14.36 -15.31 -5.75
CA SER A 63 13.74 -16.57 -5.37
C SER A 63 14.52 -17.24 -4.23
N PHE A 64 15.84 -17.13 -4.35
CA PHE A 64 16.79 -17.70 -3.39
C PHE A 64 16.77 -16.95 -2.05
N ILE A 65 16.85 -15.63 -2.12
CA ILE A 65 16.80 -14.80 -0.94
C ILE A 65 15.51 -15.10 -0.16
N HIS A 66 14.37 -15.06 -0.85
CA HIS A 66 13.09 -15.34 -0.22
C HIS A 66 13.20 -16.67 0.48
N PHE A 67 14.07 -17.53 -0.04
CA PHE A 67 14.26 -18.85 0.55
C PHE A 67 14.95 -18.76 1.90
N LEU A 68 16.16 -18.21 1.91
CA LEU A 68 16.92 -18.08 3.13
C LEU A 68 16.06 -17.37 4.17
N LEU A 69 15.46 -16.24 3.78
CA LEU A 69 14.62 -15.46 4.67
C LEU A 69 13.46 -16.24 5.24
N THR A 70 13.12 -17.34 4.60
CA THR A 70 12.00 -18.14 5.04
C THR A 70 12.33 -19.56 5.44
N HIS A 71 13.55 -19.79 5.92
CA HIS A 71 13.91 -21.16 6.29
C HIS A 71 14.79 -21.42 7.50
N GLY A 72 15.84 -20.63 7.67
CA GLY A 72 16.76 -20.89 8.77
C GLY A 72 16.30 -20.61 10.20
N ARG A 73 15.17 -21.19 10.60
CA ARG A 73 14.60 -20.96 11.92
C ARG A 73 15.51 -21.11 13.16
N TRP A 74 16.83 -21.22 12.98
CA TRP A 74 17.76 -21.30 14.09
C TRP A 74 18.75 -20.19 13.88
N LEU A 75 19.33 -20.16 12.69
CA LEU A 75 20.28 -19.13 12.34
C LEU A 75 19.61 -17.74 12.48
N TRP A 76 18.30 -17.69 12.23
CA TRP A 76 17.55 -16.44 12.33
C TRP A 76 17.30 -15.98 13.76
N ASP A 77 17.02 -16.90 14.68
CA ASP A 77 16.80 -16.49 16.06
C ASP A 77 18.11 -15.91 16.53
N PHE A 78 19.21 -16.46 16.02
CA PHE A 78 20.55 -15.98 16.36
C PHE A 78 20.76 -14.61 15.75
N VAL A 79 20.58 -14.51 14.44
CA VAL A 79 20.76 -13.23 13.77
C VAL A 79 19.87 -12.19 14.46
N ASN A 80 18.64 -12.61 14.80
CA ASN A 80 17.68 -11.73 15.46
C ASN A 80 18.13 -11.16 16.80
N ALA A 81 18.86 -11.97 17.56
CA ALA A 81 19.33 -11.54 18.87
C ALA A 81 20.60 -10.72 18.84
N THR A 82 21.15 -10.49 17.65
CA THR A 82 22.38 -9.73 17.55
C THR A 82 22.21 -8.56 16.60
N PHE A 83 23.27 -7.76 16.48
CA PHE A 83 23.32 -6.58 15.62
C PHE A 83 23.08 -6.97 14.15
N ILE A 84 23.42 -8.21 13.83
CA ILE A 84 23.27 -8.73 12.49
C ILE A 84 21.87 -8.42 11.98
N ARG A 85 20.99 -8.08 12.93
CA ARG A 85 19.61 -7.76 12.64
C ARG A 85 19.48 -6.39 11.97
N ASP A 86 19.99 -5.36 12.63
CA ASP A 86 19.91 -4.00 12.12
C ASP A 86 20.69 -3.90 10.84
N THR A 87 21.72 -4.72 10.73
CA THR A 87 22.55 -4.72 9.55
C THR A 87 21.68 -5.10 8.37
N LEU A 88 20.96 -6.20 8.51
CA LEU A 88 20.07 -6.67 7.46
C LEU A 88 18.97 -5.62 7.23
N MET A 89 18.30 -5.23 8.30
CA MET A 89 17.23 -4.23 8.21
C MET A 89 17.74 -3.06 7.37
N ARG A 90 18.88 -2.50 7.77
CA ARG A 90 19.46 -1.38 7.03
C ARG A 90 19.72 -1.76 5.60
N LEU A 91 20.14 -2.99 5.39
CA LEU A 91 20.43 -3.46 4.06
C LEU A 91 19.09 -3.52 3.33
N VAL A 92 18.14 -4.22 3.95
CA VAL A 92 16.79 -4.39 3.41
C VAL A 92 16.27 -3.06 2.89
N LEU A 93 16.26 -2.07 3.78
CA LEU A 93 15.82 -0.72 3.44
C LEU A 93 16.62 -0.23 2.22
N THR A 94 17.66 0.56 2.44
CA THR A 94 18.49 1.10 1.37
C THR A 94 18.37 0.46 -0.01
N VAL A 95 18.55 -0.87 -0.08
CA VAL A 95 18.48 -1.55 -1.36
C VAL A 95 17.10 -1.50 -1.99
N ARG A 96 16.08 -1.82 -1.21
CA ARG A 96 14.71 -1.80 -1.69
C ARG A 96 14.31 -0.38 -2.15
N SER A 97 14.56 0.62 -1.31
CA SER A 97 14.20 2.01 -1.60
C SER A 97 14.99 2.66 -2.74
N ASN A 98 16.14 2.11 -3.04
CA ASN A 98 16.98 2.65 -4.09
C ASN A 98 16.30 2.47 -5.46
N LEU A 99 15.29 1.61 -5.54
CA LEU A 99 14.61 1.37 -6.80
C LEU A 99 13.50 2.36 -7.17
N ILE A 100 13.22 3.31 -6.28
CA ILE A 100 12.18 4.28 -6.53
C ILE A 100 12.77 5.66 -6.77
N PRO A 101 12.61 6.19 -7.99
CA PRO A 101 13.17 7.51 -8.28
C PRO A 101 12.66 8.58 -7.33
N SER A 102 13.57 9.44 -6.89
CA SER A 102 13.23 10.53 -5.98
C SER A 102 14.37 11.55 -5.99
N PRO A 103 14.06 12.82 -6.32
CA PRO A 103 12.75 13.37 -6.67
C PRO A 103 12.09 12.57 -7.78
N PRO A 104 10.75 12.43 -7.74
CA PRO A 104 9.90 11.69 -8.70
C PRO A 104 10.14 12.00 -10.17
N THR A 105 9.76 11.06 -11.03
CA THR A 105 9.96 11.22 -12.46
C THR A 105 8.79 11.70 -13.31
N TYR A 106 8.02 10.76 -13.87
CA TYR A 106 6.90 11.13 -14.73
C TYR A 106 5.51 10.94 -14.13
N ASN A 107 4.52 11.41 -14.88
CA ASN A 107 3.13 11.32 -14.50
C ASN A 107 2.25 11.05 -15.73
N ILE A 108 0.95 10.96 -15.51
CA ILE A 108 -0.01 10.69 -16.58
C ILE A 108 0.07 11.64 -17.75
N ALA A 109 0.70 12.79 -17.54
CA ALA A 109 0.82 13.80 -18.59
C ALA A 109 2.18 13.95 -19.24
N HIS A 110 3.23 13.61 -18.51
CA HIS A 110 4.58 13.73 -19.07
C HIS A 110 5.44 12.46 -18.98
N ASP A 111 5.93 11.99 -20.13
CA ASP A 111 6.78 10.81 -20.13
C ASP A 111 8.23 11.29 -20.14
N TYR A 112 8.49 12.34 -19.35
CA TYR A 112 9.81 12.93 -19.25
C TYR A 112 9.89 13.81 -18.02
N ILE A 113 11.09 14.19 -17.61
CA ILE A 113 11.22 15.02 -16.42
C ILE A 113 10.79 16.43 -16.73
N SER A 114 9.95 17.00 -15.87
CA SER A 114 9.46 18.35 -16.07
C SER A 114 9.20 19.02 -14.73
N TRP A 115 9.30 20.34 -14.72
CA TRP A 115 9.07 21.07 -13.48
C TRP A 115 7.62 20.86 -13.04
N GLU A 116 6.73 20.75 -14.03
CA GLU A 116 5.32 20.54 -13.75
C GLU A 116 5.16 19.22 -12.98
N SER A 117 5.76 18.16 -13.53
CA SER A 117 5.69 16.84 -12.93
C SER A 117 6.21 16.85 -11.51
N PHE A 118 7.27 17.60 -11.31
CA PHE A 118 7.87 17.71 -10.00
C PHE A 118 6.92 18.27 -8.98
N SER A 119 6.45 19.49 -9.24
CA SER A 119 5.57 20.24 -8.33
C SER A 119 4.06 20.05 -8.28
N ASN A 120 3.42 19.57 -9.35
CA ASN A 120 1.98 19.41 -9.28
C ASN A 120 1.57 18.16 -8.49
N VAL A 121 1.59 18.27 -7.17
CA VAL A 121 1.24 17.16 -6.28
C VAL A 121 -0.03 16.40 -6.67
N SER A 122 -0.82 16.95 -7.58
CA SER A 122 -2.06 16.31 -7.99
C SER A 122 -1.84 15.01 -8.77
N TYR A 123 -0.87 15.02 -9.68
CA TYR A 123 -0.58 13.85 -10.50
C TYR A 123 0.01 12.69 -9.69
N TYR A 124 -0.51 11.48 -9.91
CA TYR A 124 0.10 10.32 -9.27
C TYR A 124 1.37 10.26 -10.12
N THR A 125 2.38 9.52 -9.69
CA THR A 125 3.59 9.46 -10.50
C THR A 125 3.84 8.06 -11.00
N ARG A 126 4.56 7.93 -12.09
CA ARG A 126 4.81 6.60 -12.62
C ARG A 126 6.29 6.23 -12.65
N ILE A 127 6.55 4.94 -12.50
CA ILE A 127 7.88 4.39 -12.48
C ILE A 127 8.40 4.26 -13.87
N LEU A 128 7.58 3.68 -14.73
CA LEU A 128 7.96 3.52 -16.11
C LEU A 128 7.16 4.51 -16.94
N PRO A 129 7.72 4.97 -18.05
CA PRO A 129 6.93 5.91 -18.83
C PRO A 129 5.71 5.13 -19.29
N SER A 130 4.90 5.72 -20.15
CA SER A 130 3.72 4.99 -20.59
C SER A 130 3.95 4.42 -21.97
N VAL A 131 2.99 3.64 -22.44
CA VAL A 131 3.09 3.03 -23.76
C VAL A 131 2.74 4.12 -24.77
N PRO A 132 3.73 4.58 -25.55
CA PRO A 132 3.51 5.64 -26.56
C PRO A 132 2.17 5.55 -27.27
N ARG A 133 1.43 6.66 -27.32
CA ARG A 133 0.12 6.71 -27.96
C ARG A 133 0.13 6.43 -29.47
N ASP A 134 1.30 6.08 -29.99
CA ASP A 134 1.44 5.83 -31.42
C ASP A 134 2.10 4.49 -31.69
N CYS A 135 2.00 3.57 -30.75
CA CYS A 135 2.64 2.29 -30.99
C CYS A 135 1.65 1.35 -31.63
N PRO A 136 2.17 0.37 -32.37
CA PRO A 136 1.35 -0.63 -33.05
C PRO A 136 0.35 -1.21 -32.07
N THR A 137 0.79 -2.19 -31.29
CA THR A 137 -0.05 -2.85 -30.30
C THR A 137 -0.32 -1.92 -29.11
N PRO A 138 -1.38 -2.21 -28.34
CA PRO A 138 -1.77 -1.40 -27.18
C PRO A 138 -0.68 -1.43 -26.10
N MET A 139 0.11 -2.50 -26.11
CA MET A 139 1.22 -2.68 -25.16
C MET A 139 2.56 -2.32 -25.82
N GLY A 140 2.52 -1.95 -27.09
CA GLY A 140 3.73 -1.54 -27.77
C GLY A 140 4.07 -2.25 -29.06
N THR A 141 4.69 -3.42 -28.93
CA THR A 141 5.15 -4.18 -30.07
C THR A 141 4.49 -5.53 -30.26
N LYS A 142 4.39 -6.26 -29.16
CA LYS A 142 3.84 -7.60 -29.19
C LYS A 142 2.44 -7.71 -28.60
N GLY A 143 1.66 -8.63 -29.14
CA GLY A 143 0.29 -8.83 -28.67
C GLY A 143 -0.68 -8.66 -29.82
N LYS A 144 -1.96 -8.58 -29.49
CA LYS A 144 -3.00 -8.43 -30.50
C LYS A 144 -3.50 -6.99 -30.47
N LYS A 145 -3.96 -6.50 -31.61
CA LYS A 145 -4.45 -5.13 -31.68
C LYS A 145 -5.58 -4.85 -30.70
N GLN A 146 -5.95 -5.84 -29.91
CA GLN A 146 -6.99 -5.66 -28.91
C GLN A 146 -6.70 -6.47 -27.66
N LEU A 147 -6.78 -5.82 -26.52
CA LEU A 147 -6.53 -6.46 -25.24
C LEU A 147 -7.74 -7.29 -24.82
N PRO A 148 -7.52 -8.36 -24.04
CA PRO A 148 -8.62 -9.20 -23.60
C PRO A 148 -9.75 -8.35 -23.00
N ASP A 149 -10.99 -8.77 -23.19
CA ASP A 149 -12.10 -8.03 -22.64
C ASP A 149 -11.97 -8.13 -21.13
N ALA A 150 -11.72 -7.00 -20.48
CA ALA A 150 -11.56 -6.96 -19.03
C ALA A 150 -12.68 -7.61 -18.22
N GLU A 151 -13.92 -7.55 -18.72
CA GLU A 151 -15.02 -8.16 -17.99
C GLU A 151 -14.81 -9.66 -18.00
N PHE A 152 -14.39 -10.18 -19.14
CA PHE A 152 -14.13 -11.61 -19.30
C PHE A 152 -12.97 -12.05 -18.40
N LEU A 153 -11.79 -11.50 -18.68
CA LEU A 153 -10.58 -11.79 -17.92
C LEU A 153 -10.94 -11.90 -16.45
N SER A 154 -11.68 -10.91 -15.95
CA SER A 154 -12.08 -10.89 -14.56
C SER A 154 -12.69 -12.22 -14.12
N ARG A 155 -13.91 -12.45 -14.56
CA ARG A 155 -14.63 -13.67 -14.22
C ARG A 155 -13.89 -14.97 -14.45
N ARG A 156 -13.20 -15.03 -15.59
CA ARG A 156 -12.48 -16.22 -16.01
C ARG A 156 -11.27 -16.57 -15.15
N PHE A 157 -10.56 -15.55 -14.64
CA PHE A 157 -9.35 -15.80 -13.86
C PHE A 157 -9.27 -15.16 -12.48
N LEU A 158 -9.98 -14.07 -12.25
CA LEU A 158 -9.91 -13.43 -10.94
C LEU A 158 -11.14 -13.71 -10.09
N LEU A 159 -12.22 -14.17 -10.71
CA LEU A 159 -13.44 -14.43 -9.96
C LEU A 159 -13.33 -15.65 -9.04
N ARG A 160 -13.61 -15.44 -7.77
CA ARG A 160 -13.54 -16.51 -6.80
C ARG A 160 -14.56 -17.60 -7.08
N ARG A 161 -14.14 -18.85 -6.95
CA ARG A 161 -15.02 -19.99 -7.14
C ARG A 161 -15.25 -20.43 -5.69
N LYS A 162 -14.32 -21.22 -5.17
CA LYS A 162 -14.36 -21.65 -3.79
C LYS A 162 -13.40 -20.70 -3.07
N PHE A 163 -13.78 -20.24 -1.87
CA PHE A 163 -12.93 -19.32 -1.12
C PHE A 163 -11.60 -19.98 -0.75
N ILE A 164 -10.51 -19.31 -1.14
CA ILE A 164 -9.17 -19.81 -0.84
C ILE A 164 -8.53 -18.90 0.20
N PRO A 165 -8.41 -19.41 1.43
CA PRO A 165 -7.81 -18.64 2.52
C PRO A 165 -6.29 -18.49 2.43
N ASP A 166 -5.78 -17.43 3.04
CA ASP A 166 -4.35 -17.20 3.01
C ASP A 166 -3.59 -18.23 3.81
N PRO A 167 -2.77 -19.02 3.12
CA PRO A 167 -2.00 -20.03 3.86
C PRO A 167 -1.24 -19.37 4.99
N GLN A 168 -0.77 -18.13 4.79
CA GLN A 168 0.02 -17.44 5.81
C GLN A 168 -0.71 -17.09 7.11
N GLY A 169 -1.97 -17.48 7.23
CA GLY A 169 -2.69 -17.19 8.46
C GLY A 169 -3.29 -15.81 8.67
N THR A 170 -3.20 -14.94 7.68
CA THR A 170 -3.76 -13.59 7.78
C THR A 170 -5.23 -13.61 8.21
N ASN A 171 -5.67 -12.59 8.96
CA ASN A 171 -7.07 -12.53 9.40
C ASN A 171 -7.72 -11.25 8.88
N LEU A 172 -8.98 -11.02 9.28
CA LEU A 172 -9.72 -9.84 8.84
C LEU A 172 -9.36 -8.57 9.63
N MET A 173 -8.89 -8.75 10.85
CA MET A 173 -8.50 -7.61 11.65
C MET A 173 -7.43 -6.90 10.83
N PHE A 174 -6.68 -7.71 10.06
CA PHE A 174 -5.62 -7.18 9.20
C PHE A 174 -6.20 -6.61 7.92
N ALA A 175 -7.06 -7.39 7.27
CA ALA A 175 -7.68 -6.98 6.01
C ALA A 175 -8.20 -5.53 6.01
N PHE A 176 -8.86 -5.14 7.10
CA PHE A 176 -9.40 -3.80 7.17
C PHE A 176 -8.32 -2.79 7.50
N PHE A 177 -7.54 -3.06 8.53
CA PHE A 177 -6.47 -2.14 8.86
C PHE A 177 -5.81 -1.76 7.55
N ALA A 178 -5.57 -2.77 6.71
CA ALA A 178 -4.97 -2.59 5.41
C ALA A 178 -5.76 -1.58 4.59
N GLN A 179 -7.02 -1.90 4.35
CA GLN A 179 -7.90 -1.03 3.58
C GLN A 179 -7.89 0.39 4.13
N HIS A 180 -8.17 0.51 5.42
CA HIS A 180 -8.17 1.79 6.08
C HIS A 180 -6.85 2.45 5.71
N PHE A 181 -5.79 2.04 6.39
CA PHE A 181 -4.43 2.56 6.19
C PHE A 181 -4.07 3.01 4.77
N THR A 182 -4.35 2.20 3.76
CA THR A 182 -4.00 2.58 2.39
C THR A 182 -4.80 3.73 1.82
N HIS A 183 -6.00 3.95 2.32
CA HIS A 183 -6.84 5.02 1.80
C HIS A 183 -6.45 6.45 2.19
N GLN A 184 -5.29 6.63 2.83
CA GLN A 184 -4.86 7.97 3.18
C GLN A 184 -3.98 8.52 2.07
N PHE A 185 -3.42 7.63 1.24
CA PHE A 185 -2.59 8.06 0.11
C PHE A 185 -3.19 7.67 -1.26
N PHE A 186 -4.14 6.74 -1.24
CA PHE A 186 -4.82 6.33 -2.47
C PHE A 186 -6.20 6.99 -2.45
N LYS A 187 -6.35 8.08 -3.19
CA LYS A 187 -7.64 8.79 -3.29
C LYS A 187 -7.71 9.38 -4.69
N THR A 188 -8.14 8.57 -5.63
CA THR A 188 -8.22 9.06 -6.99
C THR A 188 -9.45 9.95 -7.12
N SER A 189 -9.23 11.17 -7.62
CA SER A 189 -10.30 12.16 -7.83
C SER A 189 -11.11 11.82 -9.08
N GLY A 190 -12.37 11.45 -8.87
CA GLY A 190 -13.24 11.13 -10.01
C GLY A 190 -13.31 12.32 -10.95
N LYS A 191 -13.48 13.51 -10.38
CA LYS A 191 -13.56 14.75 -11.15
C LYS A 191 -12.37 14.89 -12.13
N MET A 192 -11.16 14.84 -11.59
CA MET A 192 -9.95 14.96 -12.39
C MET A 192 -9.68 13.70 -13.19
N GLY A 193 -10.19 12.57 -12.69
CA GLY A 193 -10.00 11.32 -13.40
C GLY A 193 -8.85 10.44 -12.92
N PRO A 194 -8.58 9.32 -13.62
CA PRO A 194 -7.48 8.44 -13.22
C PRO A 194 -6.19 9.22 -13.32
N GLY A 195 -5.20 8.80 -12.54
CA GLY A 195 -3.92 9.48 -12.60
C GLY A 195 -3.83 10.74 -11.76
N PHE A 196 -4.86 11.01 -10.96
CA PHE A 196 -4.85 12.18 -10.09
C PHE A 196 -5.29 11.78 -8.68
N THR A 197 -4.96 12.59 -7.69
CA THR A 197 -5.30 12.24 -6.30
C THR A 197 -5.67 13.40 -5.36
N LYS A 198 -6.67 13.18 -4.51
CA LYS A 198 -7.07 14.22 -3.55
C LYS A 198 -6.08 14.22 -2.39
N ALA A 199 -5.61 13.02 -2.07
CA ALA A 199 -4.65 12.78 -0.98
C ALA A 199 -3.27 13.28 -1.38
N LEU A 200 -3.06 14.57 -1.18
CA LEU A 200 -1.77 15.18 -1.47
C LEU A 200 -0.96 14.74 -0.24
N GLY A 201 0.27 15.21 -0.09
CA GLY A 201 1.02 14.75 1.08
C GLY A 201 1.66 13.42 0.72
N HIS A 202 0.91 12.61 -0.02
CA HIS A 202 1.40 11.34 -0.50
C HIS A 202 2.06 10.40 0.49
N GLY A 203 1.51 10.24 1.68
CA GLY A 203 2.20 9.33 2.57
C GLY A 203 1.41 8.96 3.77
N VAL A 204 2.09 8.89 4.90
CA VAL A 204 1.47 8.55 6.15
C VAL A 204 1.33 9.82 6.95
N ASP A 205 0.38 10.65 6.54
CA ASP A 205 0.11 11.90 7.23
C ASP A 205 -1.20 11.77 8.00
N LEU A 206 -1.84 10.61 7.85
CA LEU A 206 -3.10 10.31 8.51
C LEU A 206 -4.22 11.24 8.04
N GLY A 207 -4.05 11.75 6.81
CA GLY A 207 -5.04 12.63 6.22
C GLY A 207 -6.27 11.82 5.85
N HIS A 208 -6.62 10.91 6.75
CA HIS A 208 -7.76 10.05 6.55
C HIS A 208 -8.32 9.95 7.96
N ILE A 209 -7.77 10.78 8.81
CA ILE A 209 -8.22 10.85 10.18
C ILE A 209 -8.48 12.33 10.34
N TYR A 210 -7.46 13.12 10.08
CA TYR A 210 -7.53 14.57 10.18
C TYR A 210 -7.97 15.14 8.85
N GLY A 211 -8.52 14.31 7.98
CA GLY A 211 -8.95 14.81 6.70
C GLY A 211 -7.81 15.34 5.86
N ASP A 212 -8.11 15.65 4.61
CA ASP A 212 -7.12 16.12 3.66
C ASP A 212 -7.11 17.61 3.31
N ASN A 213 -7.77 18.44 4.11
CA ASN A 213 -7.74 19.89 3.88
C ASN A 213 -7.90 20.54 5.24
N LEU A 214 -7.36 21.76 5.40
CA LEU A 214 -7.41 22.43 6.70
C LEU A 214 -8.78 22.62 7.31
N GLU A 215 -9.76 22.99 6.48
CA GLU A 215 -11.13 23.24 6.91
C GLU A 215 -11.71 21.98 7.52
N ARG A 216 -11.77 20.95 6.69
CA ARG A 216 -12.30 19.66 7.07
C ARG A 216 -11.71 19.24 8.40
N GLN A 217 -10.42 19.52 8.58
CA GLN A 217 -9.72 19.21 9.81
C GLN A 217 -10.41 20.00 10.92
N TYR A 218 -10.45 21.31 10.71
CA TYR A 218 -11.09 22.25 11.63
C TYR A 218 -12.54 21.86 11.93
N GLN A 219 -13.24 21.30 10.95
CA GLN A 219 -14.62 20.92 11.17
C GLN A 219 -14.66 19.73 12.10
N LEU A 220 -13.56 18.98 12.09
CA LEU A 220 -13.42 17.79 12.93
C LEU A 220 -12.76 18.09 14.25
N ARG A 221 -11.99 19.17 14.28
CA ARG A 221 -11.28 19.51 15.48
C ARG A 221 -12.16 20.16 16.53
N LEU A 222 -12.08 19.62 17.74
CA LEU A 222 -12.84 20.13 18.87
C LEU A 222 -12.10 21.28 19.56
N PHE A 223 -11.22 21.94 18.81
CA PHE A 223 -10.40 23.03 19.30
C PHE A 223 -10.28 23.25 20.77
N LYS A 224 -10.06 22.17 21.51
CA LYS A 224 -9.89 22.23 22.96
C LYS A 224 -9.06 21.03 23.41
N ASP A 225 -7.98 21.30 24.14
CA ASP A 225 -7.10 20.24 24.62
C ASP A 225 -6.52 19.42 23.47
N GLY A 226 -6.40 20.06 22.30
CA GLY A 226 -5.85 19.40 21.13
C GLY A 226 -6.66 18.23 20.66
N LYS A 227 -7.71 17.91 21.40
CA LYS A 227 -8.57 16.77 21.09
C LYS A 227 -9.46 16.93 19.88
N LEU A 228 -10.12 15.82 19.55
CA LEU A 228 -11.04 15.73 18.42
C LEU A 228 -12.45 15.53 18.96
N LYS A 229 -13.42 15.96 18.17
CA LYS A 229 -14.82 15.82 18.55
C LYS A 229 -15.22 14.36 18.62
N TYR A 230 -16.27 14.08 19.38
CA TYR A 230 -16.71 12.72 19.54
C TYR A 230 -18.06 12.68 20.25
N GLN A 231 -18.62 11.48 20.37
CA GLN A 231 -19.91 11.35 21.01
C GLN A 231 -20.10 10.02 21.72
N MET A 232 -20.46 10.11 23.00
CA MET A 232 -20.68 8.94 23.82
C MET A 232 -21.96 8.22 23.46
N LEU A 233 -21.82 6.94 23.15
CA LEU A 233 -22.95 6.08 22.82
C LEU A 233 -22.71 4.81 23.64
N ASN A 234 -23.68 4.46 24.48
CA ASN A 234 -23.57 3.26 25.32
C ASN A 234 -22.52 3.45 26.42
N GLY A 235 -21.99 4.68 26.51
CA GLY A 235 -20.99 4.97 27.51
C GLY A 235 -19.58 4.89 26.94
N GLU A 236 -19.48 4.47 25.68
CA GLU A 236 -18.19 4.35 25.00
C GLU A 236 -18.00 5.50 24.01
N VAL A 237 -16.75 5.82 23.67
CA VAL A 237 -16.46 6.94 22.76
C VAL A 237 -16.51 6.59 21.27
N TYR A 238 -17.10 7.48 20.48
CA TYR A 238 -17.21 7.28 19.04
C TYR A 238 -17.04 8.61 18.32
N PRO A 239 -16.88 8.58 16.99
CA PRO A 239 -16.71 9.83 16.25
C PRO A 239 -17.98 10.65 16.28
N PRO A 240 -17.88 11.92 15.88
CA PRO A 240 -19.05 12.80 15.86
C PRO A 240 -19.83 12.60 14.57
N SER A 241 -21.10 13.02 14.58
CA SER A 241 -21.98 12.93 13.42
C SER A 241 -21.86 14.27 12.73
N VAL A 242 -22.28 14.35 11.47
CA VAL A 242 -22.19 15.62 10.77
C VAL A 242 -22.79 16.77 11.61
N GLU A 243 -23.81 16.46 12.40
CA GLU A 243 -24.43 17.47 13.27
C GLU A 243 -23.46 17.72 14.46
N GLU A 244 -22.42 18.50 14.19
CA GLU A 244 -21.36 18.88 15.14
C GLU A 244 -20.08 18.90 14.28
N ALA A 245 -19.95 17.87 13.45
CA ALA A 245 -18.82 17.73 12.53
C ALA A 245 -19.42 17.90 11.14
N PRO A 246 -19.83 19.12 10.81
CA PRO A 246 -20.44 19.51 9.55
C PRO A 246 -19.53 19.28 8.37
N VAL A 247 -19.16 18.05 8.11
CA VAL A 247 -18.29 17.85 6.98
C VAL A 247 -18.76 16.74 6.06
N LEU A 248 -18.39 16.88 4.79
CA LEU A 248 -18.74 15.94 3.75
C LEU A 248 -18.57 14.47 4.19
N MET A 249 -19.29 13.58 3.52
CA MET A 249 -19.26 12.14 3.75
C MET A 249 -19.94 11.46 2.55
N HIS A 250 -20.30 10.20 2.68
CA HIS A 250 -20.92 9.51 1.56
C HIS A 250 -21.93 8.49 2.03
N TYR A 251 -22.40 8.68 3.27
CA TYR A 251 -23.40 7.79 3.82
C TYR A 251 -24.59 7.84 2.87
N PRO A 252 -25.26 6.70 2.63
CA PRO A 252 -26.41 6.71 1.73
C PRO A 252 -27.58 7.59 2.22
N ARG A 253 -28.23 8.25 1.26
CA ARG A 253 -29.37 9.13 1.51
C ARG A 253 -30.39 8.41 2.37
N GLY A 254 -30.34 8.64 3.67
CA GLY A 254 -31.28 7.95 4.54
C GLY A 254 -31.39 8.59 5.91
N ILE A 255 -30.32 8.51 6.70
CA ILE A 255 -30.34 9.12 8.02
C ILE A 255 -29.07 9.93 8.24
N PRO A 256 -28.98 11.06 7.52
CA PRO A 256 -27.81 11.96 7.63
C PRO A 256 -27.66 12.68 9.00
N PRO A 257 -28.56 12.42 9.97
CA PRO A 257 -28.37 13.11 11.25
C PRO A 257 -27.59 12.25 12.23
N GLN A 258 -28.27 11.32 12.87
CA GLN A 258 -27.62 10.45 13.84
C GLN A 258 -27.02 9.23 13.11
N SER A 259 -25.98 8.67 13.73
CA SER A 259 -25.25 7.52 13.19
C SER A 259 -24.55 7.87 11.86
N GLN A 260 -24.56 9.16 11.52
CA GLN A 260 -23.91 9.63 10.31
C GLN A 260 -22.64 10.37 10.76
N MET A 261 -21.68 9.57 11.22
CA MET A 261 -20.38 10.01 11.75
C MET A 261 -19.33 10.60 10.81
N ALA A 262 -18.67 11.66 11.29
CA ALA A 262 -17.61 12.33 10.52
C ALA A 262 -16.26 11.75 10.97
N VAL A 263 -15.34 11.57 10.02
CA VAL A 263 -14.07 10.94 10.32
C VAL A 263 -12.77 11.49 9.75
N GLY A 264 -12.79 11.86 8.48
CA GLY A 264 -11.58 12.38 7.86
C GLY A 264 -11.44 11.75 6.49
N GLN A 265 -11.95 10.52 6.37
CA GLN A 265 -11.91 9.85 5.09
C GLN A 265 -13.36 9.67 4.62
N GLU A 266 -13.73 10.55 3.70
CA GLU A 266 -15.06 10.61 3.12
C GLU A 266 -15.86 9.31 3.10
N VAL A 267 -15.23 8.26 2.58
CA VAL A 267 -15.90 6.99 2.41
C VAL A 267 -15.91 6.01 3.57
N PHE A 268 -15.41 6.42 4.73
CA PHE A 268 -15.35 5.49 5.85
C PHE A 268 -16.65 5.10 6.58
N GLY A 269 -17.78 5.49 6.02
CA GLY A 269 -19.04 5.13 6.63
C GLY A 269 -19.53 3.89 5.92
N LEU A 270 -19.06 3.73 4.69
CA LEU A 270 -19.45 2.62 3.84
C LEU A 270 -19.17 1.19 4.27
N LEU A 271 -18.39 1.01 5.33
CA LEU A 271 -18.06 -0.33 5.85
C LEU A 271 -17.73 -0.22 7.34
N PRO A 272 -18.25 -1.14 8.17
CA PRO A 272 -17.95 -1.07 9.60
C PRO A 272 -16.46 -1.21 9.85
N GLY A 273 -15.82 -2.05 9.05
CA GLY A 273 -14.39 -2.27 9.20
C GLY A 273 -13.62 -0.96 9.24
N LEU A 274 -13.80 -0.15 8.21
CA LEU A 274 -13.12 1.12 8.16
C LEU A 274 -13.49 1.97 9.34
N MET A 275 -14.79 2.16 9.55
CA MET A 275 -15.26 2.97 10.68
C MET A 275 -14.69 2.48 12.01
N LEU A 276 -14.62 1.17 12.19
CA LEU A 276 -14.07 0.60 13.41
C LEU A 276 -12.72 1.24 13.67
N TYR A 277 -11.78 1.02 12.76
CA TYR A 277 -10.46 1.59 12.92
C TYR A 277 -10.52 3.10 13.17
N ALA A 278 -11.32 3.81 12.36
CA ALA A 278 -11.47 5.27 12.49
C ALA A 278 -11.72 5.65 13.94
N THR A 279 -12.56 4.85 14.58
CA THR A 279 -12.92 5.04 15.97
C THR A 279 -11.70 4.83 16.85
N ILE A 280 -11.03 3.70 16.61
CA ILE A 280 -9.84 3.31 17.37
C ILE A 280 -8.78 4.38 17.37
N TRP A 281 -8.46 4.89 16.19
CA TRP A 281 -7.46 5.91 16.12
C TRP A 281 -7.89 7.17 16.86
N LEU A 282 -9.08 7.70 16.54
CA LEU A 282 -9.58 8.90 17.21
C LEU A 282 -9.50 8.75 18.73
N ARG A 283 -9.91 7.61 19.22
CA ARG A 283 -9.87 7.36 20.65
C ARG A 283 -8.42 7.38 21.15
N GLU A 284 -7.48 7.20 20.23
CA GLU A 284 -6.05 7.21 20.55
C GLU A 284 -5.59 8.65 20.65
N HIS A 285 -5.72 9.36 19.55
CA HIS A 285 -5.33 10.75 19.49
C HIS A 285 -5.67 11.48 20.78
N ASN A 286 -6.97 11.52 21.07
CA ASN A 286 -7.44 12.18 22.27
C ASN A 286 -6.74 11.59 23.47
N ARG A 287 -6.40 10.31 23.37
CA ARG A 287 -5.72 9.65 24.47
C ARG A 287 -4.32 10.25 24.61
N VAL A 288 -3.66 10.46 23.48
CA VAL A 288 -2.34 11.07 23.47
C VAL A 288 -2.41 12.45 24.12
N CYS A 289 -3.36 13.26 23.65
CA CYS A 289 -3.54 14.61 24.19
C CYS A 289 -3.59 14.61 25.72
N ASP A 290 -4.37 13.68 26.28
CA ASP A 290 -4.49 13.58 27.72
C ASP A 290 -3.12 13.39 28.34
N LEU A 291 -2.28 12.61 27.69
CA LEU A 291 -0.95 12.37 28.19
C LEU A 291 -0.11 13.63 28.03
N LEU A 292 -0.08 14.19 26.82
CA LEU A 292 0.68 15.40 26.56
C LEU A 292 0.34 16.54 27.49
N LYS A 293 -0.94 16.90 27.56
CA LYS A 293 -1.41 18.01 28.39
C LYS A 293 -0.98 17.93 29.85
N ALA A 294 -0.76 16.72 30.35
CA ALA A 294 -0.34 16.56 31.75
C ALA A 294 1.13 16.91 31.88
N GLU A 295 1.85 16.69 30.79
CA GLU A 295 3.29 16.94 30.72
C GLU A 295 3.52 18.39 30.37
N HIS A 296 2.57 18.98 29.64
CA HIS A 296 2.71 20.36 29.24
C HIS A 296 1.47 21.20 29.49
N PRO A 297 1.15 21.46 30.76
CA PRO A 297 -0.02 22.26 31.11
C PRO A 297 -0.03 23.60 30.39
N THR A 298 1.14 24.22 30.31
CA THR A 298 1.27 25.52 29.66
C THR A 298 1.11 25.48 28.15
N TRP A 299 0.64 24.36 27.62
CA TRP A 299 0.48 24.21 26.19
C TRP A 299 -0.85 24.66 25.58
N GLY A 300 -0.81 25.16 24.35
CA GLY A 300 -2.03 25.60 23.68
C GLY A 300 -2.80 24.44 23.07
N ASP A 301 -3.72 24.75 22.17
CA ASP A 301 -4.52 23.71 21.51
C ASP A 301 -3.78 23.25 20.25
N GLU A 302 -3.45 24.21 19.38
CA GLU A 302 -2.72 23.93 18.14
C GLU A 302 -1.59 22.92 18.38
N GLN A 303 -0.89 23.08 19.51
CA GLN A 303 0.20 22.17 19.86
C GLN A 303 -0.34 20.80 20.23
N LEU A 304 -1.02 20.72 21.37
CA LEU A 304 -1.59 19.46 21.81
C LEU A 304 -2.12 18.68 20.61
N PHE A 305 -2.55 19.40 19.58
CA PHE A 305 -3.05 18.75 18.39
C PHE A 305 -1.89 18.23 17.55
N GLN A 306 -1.18 19.13 16.85
CA GLN A 306 -0.05 18.73 16.01
C GLN A 306 0.90 17.69 16.63
N THR A 307 1.25 17.88 17.90
CA THR A 307 2.16 16.96 18.57
C THR A 307 1.52 15.59 18.62
N ALA A 308 0.30 15.52 19.12
CA ALA A 308 -0.38 14.24 19.18
C ALA A 308 -0.47 13.63 17.79
N ARG A 309 -0.61 14.46 16.76
CA ARG A 309 -0.72 13.93 15.41
C ARG A 309 0.51 13.11 15.09
N LEU A 310 1.64 13.79 15.08
CA LEU A 310 2.93 13.17 14.81
C LEU A 310 3.09 11.86 15.59
N ILE A 311 2.56 11.81 16.81
CA ILE A 311 2.64 10.61 17.63
C ILE A 311 1.81 9.46 17.04
N LEU A 312 0.98 9.77 16.05
CA LEU A 312 0.19 8.74 15.42
C LEU A 312 0.85 8.45 14.09
N ILE A 313 1.48 9.46 13.51
CA ILE A 313 2.17 9.26 12.25
C ILE A 313 3.36 8.38 12.57
N GLY A 314 3.72 8.36 13.85
CA GLY A 314 4.81 7.53 14.29
C GLY A 314 4.22 6.17 14.57
N GLU A 315 3.43 6.05 15.63
CA GLU A 315 2.80 4.80 15.98
C GLU A 315 2.38 4.00 14.74
N THR A 316 1.77 4.69 13.78
CA THR A 316 1.34 4.01 12.56
C THR A 316 2.53 3.40 11.82
N ILE A 317 3.50 4.23 11.45
CA ILE A 317 4.66 3.75 10.73
C ILE A 317 5.36 2.61 11.48
N LYS A 318 5.23 2.59 12.80
CA LYS A 318 5.87 1.54 13.58
C LYS A 318 5.13 0.24 13.42
N ILE A 319 3.83 0.27 13.69
CA ILE A 319 3.02 -0.95 13.58
C ILE A 319 2.98 -1.44 12.14
N VAL A 320 2.84 -0.52 11.21
CA VAL A 320 2.80 -0.91 9.82
C VAL A 320 4.05 -1.69 9.45
N ILE A 321 5.17 -1.37 10.07
CA ILE A 321 6.41 -2.08 9.77
C ILE A 321 6.67 -3.34 10.60
N GLU A 322 6.81 -3.19 11.91
CA GLU A 322 7.09 -4.35 12.73
C GLU A 322 5.95 -5.34 12.98
N GLU A 323 4.82 -5.16 12.30
CA GLU A 323 3.67 -6.05 12.46
C GLU A 323 2.91 -6.30 11.17
N TYR A 324 2.57 -5.24 10.47
CA TYR A 324 1.86 -5.34 9.22
C TYR A 324 2.71 -6.08 8.19
N VAL A 325 3.80 -5.46 7.79
CA VAL A 325 4.70 -6.05 6.80
C VAL A 325 5.34 -7.34 7.32
N GLN A 326 5.46 -7.47 8.63
CA GLN A 326 6.03 -8.68 9.22
C GLN A 326 5.18 -9.87 8.80
N GLN A 327 3.89 -9.80 9.09
CA GLN A 327 2.95 -10.86 8.74
C GLN A 327 3.03 -11.15 7.26
N LEU A 328 2.92 -10.11 6.47
CA LEU A 328 2.96 -10.24 5.03
C LEU A 328 4.20 -10.97 4.55
N SER A 329 5.35 -10.55 5.05
CA SER A 329 6.64 -11.09 4.66
C SER A 329 6.80 -12.60 4.80
N GLY A 330 6.56 -13.10 6.00
CA GLY A 330 6.73 -14.51 6.25
C GLY A 330 8.20 -14.75 6.53
N TYR A 331 8.91 -13.67 6.83
CA TYR A 331 10.33 -13.70 7.13
C TYR A 331 10.61 -14.13 8.56
N PHE A 332 11.77 -14.76 8.76
CA PHE A 332 12.20 -15.18 10.09
C PHE A 332 12.99 -14.00 10.64
N LEU A 333 13.44 -13.16 9.71
CA LEU A 333 14.16 -11.96 10.07
C LEU A 333 13.08 -11.10 10.71
N GLN A 334 13.40 -10.53 11.85
CA GLN A 334 12.44 -9.71 12.57
C GLN A 334 12.53 -8.25 12.19
N LEU A 335 11.79 -7.86 11.15
CA LEU A 335 11.78 -6.47 10.69
C LEU A 335 11.75 -5.50 11.84
N LYS A 336 12.32 -4.32 11.62
CA LYS A 336 12.38 -3.32 12.69
C LYS A 336 12.37 -1.89 12.20
N PHE A 337 11.67 -1.05 12.96
CA PHE A 337 11.55 0.35 12.64
C PHE A 337 12.43 1.22 13.54
N ASP A 338 13.49 1.75 12.95
CA ASP A 338 14.44 2.61 13.65
C ASP A 338 15.02 3.56 12.64
N PRO A 339 14.40 4.74 12.49
CA PRO A 339 14.84 5.75 11.52
C PRO A 339 16.34 5.97 11.50
N GLU A 340 17.01 5.79 12.63
CA GLU A 340 18.45 6.02 12.69
C GLU A 340 19.29 5.15 11.75
N LEU A 341 18.77 3.99 11.38
CA LEU A 341 19.49 3.09 10.49
C LEU A 341 19.80 3.68 9.13
N LEU A 342 19.21 4.82 8.81
CA LEU A 342 19.46 5.43 7.51
C LEU A 342 20.21 6.73 7.64
N PHE A 343 20.47 7.15 8.87
CA PHE A 343 21.18 8.38 9.10
C PHE A 343 22.56 8.38 8.52
N GLY A 344 23.04 7.22 8.08
CA GLY A 344 24.35 7.15 7.50
C GLY A 344 24.29 7.03 5.98
N ALA A 345 23.09 6.88 5.47
CA ALA A 345 22.86 6.71 4.03
C ALA A 345 22.43 7.97 3.31
N GLN A 346 22.35 7.84 1.99
CA GLN A 346 21.91 8.93 1.14
C GLN A 346 20.46 8.59 0.89
N PHE A 347 19.57 9.31 1.57
CA PHE A 347 18.16 9.04 1.42
C PHE A 347 17.35 10.31 1.34
N GLN A 348 16.36 10.32 0.46
CA GLN A 348 15.52 11.49 0.32
C GLN A 348 14.29 11.27 1.18
N TYR A 349 14.06 12.17 2.14
CA TYR A 349 12.89 12.05 2.99
C TYR A 349 11.69 12.70 2.31
N ARG A 350 11.28 12.12 1.18
CA ARG A 350 10.18 12.64 0.39
C ARG A 350 9.55 11.54 -0.45
N ASN A 351 8.22 11.48 -0.47
CA ASN A 351 7.57 10.47 -1.28
C ASN A 351 6.46 11.03 -2.15
N ARG A 352 6.07 10.24 -3.14
CA ARG A 352 5.04 10.62 -4.08
C ARG A 352 4.41 9.32 -4.57
N ILE A 353 3.21 9.01 -4.09
CA ILE A 353 2.52 7.79 -4.50
C ILE A 353 2.45 7.62 -6.01
N ALA A 354 2.63 6.38 -6.46
CA ALA A 354 2.63 6.07 -7.88
C ALA A 354 1.37 5.32 -8.31
N MET A 355 1.08 5.32 -9.60
CA MET A 355 -0.10 4.63 -10.10
C MET A 355 0.12 3.13 -10.05
N GLU A 356 1.34 2.70 -10.34
CA GLU A 356 1.62 1.28 -10.29
C GLU A 356 1.50 0.79 -8.87
N PHE A 357 1.92 1.60 -7.90
CA PHE A 357 1.82 1.19 -6.51
C PHE A 357 0.37 1.04 -6.16
N ASN A 358 -0.44 1.98 -6.63
CA ASN A 358 -1.87 1.98 -6.41
C ASN A 358 -2.42 0.67 -6.96
N GLN A 359 -2.33 0.49 -8.27
CA GLN A 359 -2.83 -0.73 -8.90
C GLN A 359 -2.47 -1.97 -8.08
N LEU A 360 -1.18 -2.14 -7.85
CA LEU A 360 -0.58 -3.25 -7.10
C LEU A 360 -1.18 -3.55 -5.75
N TYR A 361 -1.65 -2.51 -5.09
CA TYR A 361 -2.21 -2.64 -3.76
C TYR A 361 -3.68 -3.00 -3.75
N HIS A 362 -4.25 -3.27 -4.92
CA HIS A 362 -5.65 -3.64 -5.01
C HIS A 362 -5.84 -5.08 -4.59
N TRP A 363 -5.73 -5.31 -3.28
CA TRP A 363 -5.85 -6.64 -2.71
C TRP A 363 -7.28 -6.98 -2.31
N HIS A 364 -8.20 -6.85 -3.26
CA HIS A 364 -9.59 -7.13 -2.95
C HIS A 364 -9.92 -8.56 -2.56
N PRO A 365 -9.13 -9.53 -3.05
CA PRO A 365 -9.40 -10.93 -2.69
C PRO A 365 -9.18 -11.30 -1.22
N LEU A 366 -8.70 -10.36 -0.40
CA LEU A 366 -8.49 -10.62 1.02
C LEU A 366 -9.85 -10.83 1.67
N MET A 367 -10.85 -10.21 1.04
CA MET A 367 -12.21 -10.25 1.51
C MET A 367 -12.86 -11.62 1.48
N PRO A 368 -13.53 -11.98 2.56
CA PRO A 368 -14.22 -13.27 2.72
C PRO A 368 -15.41 -13.48 1.79
N ASP A 369 -16.32 -14.35 2.22
CA ASP A 369 -17.54 -14.63 1.48
C ASP A 369 -18.65 -13.92 2.26
N SER A 370 -18.57 -14.08 3.57
CA SER A 370 -19.51 -13.48 4.52
C SER A 370 -18.69 -12.92 5.67
N PHE A 371 -19.34 -12.45 6.74
CA PHE A 371 -18.62 -11.89 7.87
C PHE A 371 -19.13 -12.45 9.17
N ARG A 372 -18.31 -13.26 9.81
CA ARG A 372 -18.68 -13.89 11.07
C ARG A 372 -18.43 -13.02 12.28
N VAL A 373 -19.48 -12.87 13.09
CA VAL A 373 -19.41 -12.08 14.32
C VAL A 373 -20.02 -12.92 15.45
N GLY A 374 -19.18 -13.71 16.11
CA GLY A 374 -19.67 -14.58 17.16
C GLY A 374 -20.57 -15.58 16.45
N PRO A 375 -21.83 -15.68 16.87
CA PRO A 375 -22.69 -16.63 16.17
C PRO A 375 -23.39 -16.03 14.94
N GLN A 376 -23.65 -14.72 14.93
CA GLN A 376 -24.28 -14.09 13.77
C GLN A 376 -23.36 -14.31 12.56
N ASP A 377 -23.84 -13.99 11.36
CA ASP A 377 -23.03 -14.19 10.18
C ASP A 377 -23.47 -13.31 9.00
N TYR A 378 -23.28 -12.00 9.16
CA TYR A 378 -23.68 -11.03 8.15
C TYR A 378 -23.15 -11.28 6.76
N SER A 379 -23.97 -11.01 5.77
CA SER A 379 -23.60 -11.19 4.37
C SER A 379 -23.32 -9.78 3.92
N TYR A 380 -22.74 -9.63 2.73
CA TYR A 380 -22.44 -8.29 2.22
C TYR A 380 -23.62 -7.34 2.35
N GLU A 381 -24.82 -7.83 2.07
CA GLU A 381 -26.03 -7.03 2.15
C GLU A 381 -26.21 -6.46 3.56
N GLN A 382 -26.09 -7.31 4.57
CA GLN A 382 -26.21 -6.86 5.95
C GLN A 382 -25.02 -6.01 6.37
N PHE A 383 -23.86 -6.32 5.80
CA PHE A 383 -22.59 -5.67 6.14
C PHE A 383 -22.31 -4.34 5.48
N LEU A 384 -22.25 -4.32 4.15
CA LEU A 384 -22.02 -3.09 3.44
C LEU A 384 -23.00 -2.02 3.91
N PHE A 385 -22.54 -0.77 3.93
CA PHE A 385 -23.36 0.34 4.35
C PHE A 385 -24.15 0.14 5.63
N ASN A 386 -23.93 -0.97 6.34
CA ASN A 386 -24.67 -1.14 7.58
C ASN A 386 -24.34 0.09 8.37
N THR A 387 -25.06 0.41 9.45
CA THR A 387 -24.70 1.62 10.17
C THR A 387 -24.83 1.59 11.66
N SER A 388 -24.97 0.40 12.24
CA SER A 388 -25.10 0.32 13.68
C SER A 388 -24.33 -0.88 14.25
N MET A 389 -23.97 -1.79 13.36
CA MET A 389 -23.23 -2.98 13.72
C MET A 389 -22.15 -2.54 14.69
N LEU A 390 -21.42 -1.52 14.27
CA LEU A 390 -20.34 -0.96 15.07
C LEU A 390 -20.74 -0.62 16.50
N VAL A 391 -21.79 0.18 16.64
CA VAL A 391 -22.24 0.59 17.96
C VAL A 391 -23.05 -0.50 18.63
N ASP A 392 -23.67 -1.36 17.84
CA ASP A 392 -24.46 -2.43 18.41
C ASP A 392 -23.48 -3.39 19.07
N TYR A 393 -22.55 -3.87 18.27
CA TYR A 393 -21.54 -4.82 18.72
C TYR A 393 -20.46 -4.23 19.61
N GLY A 394 -19.78 -3.20 19.12
CA GLY A 394 -18.72 -2.60 19.90
C GLY A 394 -17.33 -2.98 19.42
N VAL A 395 -16.39 -2.05 19.60
CA VAL A 395 -15.01 -2.24 19.17
C VAL A 395 -14.43 -3.53 19.73
N GLU A 396 -14.41 -3.65 21.05
CA GLU A 396 -13.89 -4.85 21.69
C GLU A 396 -14.33 -6.07 20.89
N ALA A 397 -15.64 -6.29 20.88
CA ALA A 397 -16.23 -7.43 20.20
C ALA A 397 -15.92 -7.50 18.71
N LEU A 398 -16.13 -6.41 17.98
CA LEU A 398 -15.87 -6.46 16.56
C LEU A 398 -14.45 -6.79 16.20
N VAL A 399 -13.49 -6.20 16.91
CA VAL A 399 -12.08 -6.48 16.67
C VAL A 399 -11.89 -7.98 16.88
N ASP A 400 -12.32 -8.45 18.05
CA ASP A 400 -12.20 -9.86 18.39
C ASP A 400 -12.74 -10.74 17.27
N ALA A 401 -13.78 -10.27 16.60
CA ALA A 401 -14.40 -11.05 15.54
C ALA A 401 -13.60 -11.05 14.24
N PHE A 402 -12.90 -9.95 13.96
CA PHE A 402 -12.10 -9.89 12.74
C PHE A 402 -10.79 -10.62 12.97
N SER A 403 -10.20 -10.43 14.14
CA SER A 403 -8.95 -11.09 14.47
C SER A 403 -9.09 -12.61 14.46
N ARG A 404 -10.30 -13.10 14.21
CA ARG A 404 -10.51 -14.54 14.20
C ARG A 404 -10.90 -15.12 12.85
N GLN A 405 -11.49 -14.32 11.98
CA GLN A 405 -11.91 -14.87 10.70
C GLN A 405 -10.83 -14.72 9.64
N PRO A 406 -10.43 -15.83 9.03
CA PRO A 406 -9.40 -15.83 7.99
C PRO A 406 -9.71 -14.89 6.86
N ALA A 407 -8.65 -14.45 6.17
CA ALA A 407 -8.76 -13.57 5.02
C ALA A 407 -8.41 -14.43 3.83
N GLY A 408 -8.53 -13.91 2.62
CA GLY A 408 -8.25 -14.76 1.48
C GLY A 408 -6.87 -14.60 0.89
N ARG A 409 -6.35 -15.67 0.29
CA ARG A 409 -5.04 -15.60 -0.35
C ARG A 409 -5.17 -14.49 -1.37
N ILE A 410 -4.13 -13.67 -1.53
CA ILE A 410 -4.20 -12.57 -2.47
C ILE A 410 -3.83 -12.95 -3.88
N GLY A 411 -2.93 -13.91 -4.02
CA GLY A 411 -2.50 -14.32 -5.35
C GLY A 411 -2.97 -15.71 -5.71
N GLY A 412 -2.45 -16.26 -6.80
CA GLY A 412 -2.85 -17.59 -7.22
C GLY A 412 -3.92 -17.52 -8.29
N GLY A 413 -4.69 -16.44 -8.28
CA GLY A 413 -5.74 -16.26 -9.25
C GLY A 413 -7.07 -16.83 -8.80
N ARG A 414 -8.16 -16.22 -9.25
CA ARG A 414 -9.50 -16.68 -8.92
C ARG A 414 -9.81 -16.74 -7.43
N ASN A 415 -9.95 -15.61 -6.78
CA ASN A 415 -10.26 -15.65 -5.36
C ASN A 415 -10.87 -14.34 -4.88
N ILE A 416 -11.27 -13.51 -5.83
CA ILE A 416 -11.92 -12.24 -5.52
C ILE A 416 -13.41 -12.55 -5.42
N ASP A 417 -14.04 -12.24 -4.30
CA ASP A 417 -15.48 -12.51 -4.18
C ASP A 417 -16.19 -11.77 -5.34
N HIS A 418 -17.34 -12.31 -5.79
CA HIS A 418 -18.09 -11.73 -6.90
C HIS A 418 -18.64 -10.33 -6.66
N HIS A 419 -19.10 -10.06 -5.45
CA HIS A 419 -19.65 -8.76 -5.13
C HIS A 419 -18.75 -7.63 -5.60
N ILE A 420 -17.50 -7.65 -5.15
CA ILE A 420 -16.56 -6.60 -5.50
C ILE A 420 -15.78 -6.87 -6.77
N LEU A 421 -16.01 -8.00 -7.41
CA LEU A 421 -15.26 -8.30 -8.61
C LEU A 421 -15.27 -7.17 -9.63
N HIS A 422 -16.12 -6.17 -9.44
CA HIS A 422 -16.16 -5.06 -10.40
C HIS A 422 -14.91 -4.20 -10.30
N VAL A 423 -14.45 -4.01 -9.08
CA VAL A 423 -13.27 -3.20 -8.84
C VAL A 423 -12.21 -3.73 -9.80
N ALA A 424 -11.91 -5.01 -9.65
CA ALA A 424 -10.91 -5.69 -10.48
C ALA A 424 -10.97 -5.31 -11.94
N VAL A 425 -12.15 -5.36 -12.53
CA VAL A 425 -12.33 -5.03 -13.95
C VAL A 425 -11.94 -3.59 -14.24
N ASP A 426 -12.37 -2.67 -13.37
CA ASP A 426 -12.06 -1.27 -13.53
C ASP A 426 -10.55 -1.01 -13.56
N VAL A 427 -9.85 -1.60 -12.59
CA VAL A 427 -8.42 -1.44 -12.54
C VAL A 427 -7.84 -1.82 -13.91
N ILE A 428 -8.29 -2.95 -14.45
CA ILE A 428 -7.79 -3.38 -15.76
C ILE A 428 -8.16 -2.34 -16.82
N LYS A 429 -9.35 -1.75 -16.68
CA LYS A 429 -9.81 -0.77 -17.64
C LYS A 429 -9.01 0.50 -17.48
N GLU A 430 -8.83 0.89 -16.21
CA GLU A 430 -8.08 2.10 -15.89
C GLU A 430 -6.65 2.00 -16.42
N SER A 431 -5.96 0.95 -15.98
CA SER A 431 -4.59 0.70 -16.42
C SER A 431 -4.41 1.06 -17.89
N ARG A 432 -5.30 0.54 -18.73
CA ARG A 432 -5.24 0.77 -20.17
C ARG A 432 -5.39 2.23 -20.53
N VAL A 433 -6.13 2.97 -19.70
CA VAL A 433 -6.33 4.39 -19.91
C VAL A 433 -4.98 4.98 -19.59
N LEU A 434 -4.41 4.51 -18.49
CA LEU A 434 -3.10 4.96 -18.02
C LEU A 434 -1.98 4.56 -18.98
N ARG A 435 -2.17 3.47 -19.71
CA ARG A 435 -1.17 3.00 -20.66
C ARG A 435 0.12 2.54 -19.96
N LEU A 436 -0.06 1.65 -18.98
CA LEU A 436 1.05 1.08 -18.22
C LEU A 436 1.71 0.05 -19.10
N GLN A 437 3.04 0.03 -19.12
CA GLN A 437 3.79 -0.93 -19.92
C GLN A 437 3.44 -2.33 -19.45
N PRO A 438 3.79 -3.36 -20.24
CA PRO A 438 3.52 -4.77 -19.93
C PRO A 438 4.12 -5.32 -18.64
N PHE A 439 3.51 -6.38 -18.11
CA PHE A 439 3.97 -7.01 -16.88
C PHE A 439 5.48 -7.23 -16.95
N ASN A 440 5.92 -7.95 -17.97
CA ASN A 440 7.34 -8.24 -18.11
C ASN A 440 8.21 -7.00 -18.06
N GLU A 441 7.71 -5.89 -18.58
CA GLU A 441 8.49 -4.69 -18.55
C GLU A 441 8.72 -4.23 -17.11
N TYR A 442 7.69 -4.35 -16.29
CA TYR A 442 7.81 -3.94 -14.91
C TYR A 442 8.66 -4.96 -14.16
N ARG A 443 8.64 -6.22 -14.60
CA ARG A 443 9.45 -7.25 -13.94
C ARG A 443 10.89 -6.73 -13.99
N LYS A 444 11.36 -6.39 -15.18
CA LYS A 444 12.71 -5.87 -15.34
C LYS A 444 12.98 -4.72 -14.41
N ARG A 445 12.30 -3.60 -14.65
CA ARG A 445 12.48 -2.41 -13.84
C ARG A 445 12.60 -2.72 -12.35
N PHE A 446 12.01 -3.81 -11.90
CA PHE A 446 12.14 -4.13 -10.49
C PHE A 446 13.10 -5.27 -10.20
N GLY A 447 14.17 -5.31 -10.99
CA GLY A 447 15.21 -6.31 -10.85
C GLY A 447 14.87 -7.77 -11.01
N MET A 448 13.97 -8.11 -11.93
CA MET A 448 13.62 -9.50 -12.16
C MET A 448 13.75 -9.82 -13.64
N LYS A 449 13.64 -11.10 -13.97
CA LYS A 449 13.73 -11.51 -15.35
C LYS A 449 12.31 -11.59 -15.91
N PRO A 450 12.14 -11.28 -17.21
CA PRO A 450 10.78 -11.35 -17.75
C PRO A 450 10.38 -12.82 -17.90
N TYR A 451 9.11 -13.16 -17.67
CA TYR A 451 8.70 -14.55 -17.84
C TYR A 451 8.77 -14.90 -19.32
N THR A 452 9.09 -16.15 -19.62
CA THR A 452 9.23 -16.60 -21.00
C THR A 452 8.01 -17.34 -21.53
N SER A 453 7.00 -17.47 -20.66
CA SER A 453 5.77 -18.16 -21.02
C SER A 453 4.75 -18.06 -19.90
N PHE A 454 3.47 -18.25 -20.23
CA PHE A 454 2.45 -18.20 -19.21
C PHE A 454 2.64 -19.45 -18.36
N GLN A 455 3.01 -20.54 -19.02
CA GLN A 455 3.23 -21.78 -18.30
C GLN A 455 4.20 -21.46 -17.14
N GLU A 456 5.15 -20.57 -17.39
CA GLU A 456 6.13 -20.19 -16.38
C GLU A 456 5.51 -19.20 -15.41
N LEU A 457 4.80 -18.22 -15.93
CA LEU A 457 4.14 -17.24 -15.08
C LEU A 457 3.33 -18.00 -14.07
N THR A 458 2.30 -18.68 -14.56
CA THR A 458 1.42 -19.49 -13.71
C THR A 458 1.99 -20.88 -13.48
N GLY A 459 2.00 -21.32 -12.23
CA GLY A 459 2.52 -22.63 -11.92
C GLY A 459 1.80 -23.77 -12.63
N GLU A 460 0.58 -23.52 -13.08
CA GLU A 460 -0.19 -24.56 -13.75
C GLU A 460 -0.09 -24.55 -15.28
N LYS A 461 -1.05 -25.20 -15.94
CA LYS A 461 -1.07 -25.30 -17.40
C LYS A 461 -2.37 -24.82 -18.04
N GLU A 462 -3.48 -24.99 -17.33
CA GLU A 462 -4.79 -24.58 -17.82
C GLU A 462 -4.90 -23.07 -18.10
N MET A 463 -4.99 -22.26 -17.04
CA MET A 463 -5.08 -20.82 -17.20
C MET A 463 -4.03 -20.39 -18.19
N ALA A 464 -2.79 -20.80 -17.90
CA ALA A 464 -1.63 -20.51 -18.73
C ALA A 464 -1.96 -20.58 -20.21
N ALA A 465 -2.34 -21.77 -20.65
CA ALA A 465 -2.68 -22.01 -22.05
C ALA A 465 -3.75 -21.04 -22.53
N GLU A 466 -4.83 -20.92 -21.78
CA GLU A 466 -5.91 -20.03 -22.17
C GLU A 466 -5.54 -18.55 -22.21
N LEU A 467 -4.63 -18.14 -21.33
CA LEU A 467 -4.22 -16.74 -21.30
C LEU A 467 -3.43 -16.45 -22.54
N GLU A 468 -2.58 -17.38 -22.94
CA GLU A 468 -1.79 -17.18 -24.14
C GLU A 468 -2.77 -17.02 -25.29
N GLU A 469 -3.76 -17.91 -25.34
CA GLU A 469 -4.75 -17.84 -26.42
C GLU A 469 -5.26 -16.42 -26.45
N LEU A 470 -5.39 -15.79 -25.29
CA LEU A 470 -5.89 -14.42 -25.22
C LEU A 470 -4.87 -13.33 -25.58
N TYR A 471 -3.75 -13.25 -24.86
CA TYR A 471 -2.74 -12.21 -25.14
C TYR A 471 -1.82 -12.55 -26.30
N GLY A 472 -1.81 -13.82 -26.69
CA GLY A 472 -0.97 -14.23 -27.81
C GLY A 472 0.53 -14.21 -27.58
N ASP A 473 0.94 -13.38 -26.63
CA ASP A 473 2.33 -13.24 -26.28
C ASP A 473 2.47 -12.80 -24.82
N ILE A 474 3.17 -13.61 -24.03
CA ILE A 474 3.41 -13.35 -22.61
C ILE A 474 3.82 -11.90 -22.35
N ASP A 475 4.62 -11.32 -23.26
CA ASP A 475 5.04 -9.94 -23.09
C ASP A 475 3.83 -9.05 -23.01
N ALA A 476 2.93 -9.23 -23.97
CA ALA A 476 1.69 -8.45 -24.02
C ALA A 476 0.99 -8.43 -22.67
N LEU A 477 1.08 -9.53 -21.93
CA LEU A 477 0.45 -9.61 -20.61
C LEU A 477 0.50 -8.29 -19.87
N GLU A 478 -0.53 -8.02 -19.07
CA GLU A 478 -0.62 -6.76 -18.35
C GLU A 478 -0.19 -6.80 -16.90
N PHE A 479 -0.10 -5.62 -16.30
CA PHE A 479 0.31 -5.43 -14.91
C PHE A 479 -0.58 -6.04 -13.84
N TYR A 480 -1.78 -5.52 -13.66
CA TYR A 480 -2.63 -6.08 -12.61
C TYR A 480 -2.86 -7.58 -12.75
N PRO A 481 -3.28 -8.02 -13.93
CA PRO A 481 -3.51 -9.46 -14.12
C PRO A 481 -2.29 -10.32 -13.80
N GLY A 482 -1.14 -9.96 -14.36
CA GLY A 482 0.07 -10.72 -14.11
C GLY A 482 0.31 -10.88 -12.62
N LEU A 483 0.22 -9.78 -11.90
CA LEU A 483 0.43 -9.81 -10.46
C LEU A 483 -0.48 -10.76 -9.72
N LEU A 484 -1.74 -10.80 -10.11
CA LEU A 484 -2.67 -11.67 -9.41
C LEU A 484 -2.72 -13.08 -9.94
N LEU A 485 -2.22 -13.26 -11.15
CA LEU A 485 -2.23 -14.57 -11.77
C LEU A 485 -0.89 -15.30 -11.70
N GLU A 486 0.07 -14.66 -11.06
CA GLU A 486 1.40 -15.24 -10.90
C GLU A 486 1.33 -16.31 -9.84
N LYS A 487 2.14 -17.35 -9.98
CA LYS A 487 2.16 -18.43 -8.99
C LYS A 487 2.74 -17.86 -7.68
N CYS A 488 2.18 -18.25 -6.53
CA CYS A 488 2.70 -17.74 -5.26
C CYS A 488 3.87 -18.55 -4.74
N HIS A 489 4.68 -17.94 -3.88
CA HIS A 489 5.77 -18.68 -3.27
C HIS A 489 4.98 -19.69 -2.40
N PRO A 490 5.51 -20.91 -2.23
CA PRO A 490 4.81 -21.92 -1.43
C PRO A 490 4.33 -21.41 -0.08
N ASN A 491 3.02 -21.51 0.13
CA ASN A 491 2.37 -21.09 1.39
C ASN A 491 2.31 -19.59 1.59
N SER A 492 2.73 -18.85 0.57
CA SER A 492 2.74 -17.40 0.67
C SER A 492 1.33 -16.87 0.44
N ILE A 493 1.12 -15.63 0.85
CA ILE A 493 -0.16 -15.00 0.66
C ILE A 493 -0.21 -14.57 -0.80
N PHE A 494 0.97 -14.45 -1.39
CA PHE A 494 1.08 -14.11 -2.80
C PHE A 494 2.45 -14.36 -3.38
N GLY A 495 2.55 -14.20 -4.69
CA GLY A 495 3.78 -14.47 -5.41
C GLY A 495 4.97 -13.52 -5.35
N GLU A 496 5.98 -13.88 -6.14
CA GLU A 496 7.23 -13.13 -6.21
C GLU A 496 7.11 -11.67 -6.59
N SER A 497 6.48 -11.41 -7.73
CA SER A 497 6.34 -10.07 -8.21
C SER A 497 5.70 -9.08 -7.25
N MET A 498 4.81 -9.56 -6.39
CA MET A 498 4.17 -8.66 -5.44
C MET A 498 5.14 -8.08 -4.43
N ILE A 499 5.95 -8.94 -3.83
CA ILE A 499 6.94 -8.54 -2.83
C ILE A 499 8.02 -7.68 -3.45
N GLU A 500 8.57 -8.17 -4.57
CA GLU A 500 9.64 -7.50 -5.28
C GLU A 500 9.30 -6.16 -5.92
N MET A 501 8.00 -5.86 -6.04
CA MET A 501 7.53 -4.60 -6.61
C MET A 501 6.89 -3.77 -5.53
N GLY A 502 6.32 -4.46 -4.53
CA GLY A 502 5.66 -3.78 -3.42
C GLY A 502 6.55 -3.18 -2.35
N ALA A 503 7.44 -3.98 -1.77
CA ALA A 503 8.36 -3.53 -0.72
C ALA A 503 9.07 -2.22 -1.06
N PRO A 504 9.59 -2.09 -2.28
CA PRO A 504 10.28 -0.86 -2.67
C PRO A 504 9.38 0.37 -2.52
N PHE A 505 8.18 0.31 -3.09
CA PHE A 505 7.22 1.41 -3.01
C PHE A 505 6.84 1.58 -1.56
N SER A 506 6.57 0.45 -0.95
CA SER A 506 6.15 0.40 0.42
C SER A 506 7.13 0.98 1.44
N LEU A 507 8.42 0.69 1.31
CA LEU A 507 9.39 1.21 2.28
C LEU A 507 9.86 2.60 1.95
N LYS A 508 10.05 2.87 0.67
CA LYS A 508 10.49 4.20 0.25
C LYS A 508 9.51 5.20 0.85
N GLY A 509 8.25 4.77 0.91
CA GLY A 509 7.18 5.58 1.45
C GLY A 509 7.17 5.62 2.96
N LEU A 510 7.29 4.47 3.60
CA LEU A 510 7.31 4.44 5.06
C LEU A 510 8.41 5.32 5.67
N LEU A 511 9.65 5.07 5.27
CA LEU A 511 10.80 5.80 5.80
C LEU A 511 11.03 7.19 5.24
N GLY A 512 10.48 7.45 4.05
CA GLY A 512 10.64 8.77 3.44
C GLY A 512 9.74 9.85 4.06
N ASN A 513 9.12 9.51 5.18
CA ASN A 513 8.25 10.40 5.92
C ASN A 513 9.13 11.38 6.66
N PRO A 514 8.80 12.67 6.58
CA PRO A 514 9.63 13.66 7.27
C PRO A 514 9.92 13.35 8.73
N ILE A 515 8.92 12.85 9.44
CA ILE A 515 9.15 12.56 10.84
C ILE A 515 10.30 11.57 11.00
N CYS A 516 10.65 10.86 9.93
CA CYS A 516 11.72 9.89 10.00
C CYS A 516 13.12 10.46 9.81
N SER A 517 13.19 11.71 9.38
CA SER A 517 14.45 12.36 9.15
C SER A 517 15.22 12.64 10.42
N PRO A 518 16.53 12.92 10.29
CA PRO A 518 17.38 13.21 11.44
C PRO A 518 16.86 14.49 12.07
N GLU A 519 16.52 15.43 11.20
CA GLU A 519 16.00 16.73 11.59
C GLU A 519 14.81 16.61 12.54
N TYR A 520 13.85 15.76 12.19
CA TYR A 520 12.65 15.56 12.99
C TYR A 520 12.72 14.51 14.08
N TRP A 521 13.42 13.41 13.83
CA TRP A 521 13.49 12.31 14.80
C TRP A 521 14.12 12.62 16.17
N LYS A 522 13.53 13.57 16.89
CA LYS A 522 14.01 13.99 18.21
C LYS A 522 12.87 13.86 19.21
N ALA A 523 13.17 13.72 20.49
CA ALA A 523 12.11 13.58 21.47
C ALA A 523 11.36 14.88 21.67
N SER A 524 11.89 15.97 21.13
CA SER A 524 11.22 17.24 21.28
C SER A 524 10.13 17.38 20.24
N THR A 525 10.21 16.59 19.17
CA THR A 525 9.21 16.66 18.11
C THR A 525 7.92 15.98 18.55
N PHE A 526 8.03 15.20 19.61
CA PHE A 526 6.89 14.50 20.15
C PHE A 526 6.76 15.01 21.56
N GLY A 527 7.20 16.26 21.73
CA GLY A 527 7.17 16.93 23.00
C GLY A 527 7.28 15.99 24.17
N GLY A 528 8.51 15.76 24.64
CA GLY A 528 8.70 14.88 25.78
C GLY A 528 9.26 13.54 25.39
N GLU A 529 9.70 12.79 26.39
CA GLU A 529 10.26 11.46 26.18
C GLU A 529 9.06 10.54 26.03
N VAL A 530 8.00 10.87 26.76
CA VAL A 530 6.74 10.13 26.74
C VAL A 530 6.21 9.95 25.35
N GLY A 531 6.29 11.01 24.56
CA GLY A 531 5.81 10.92 23.20
C GLY A 531 6.63 9.93 22.40
N PHE A 532 7.95 10.16 22.41
CA PHE A 532 8.90 9.32 21.69
C PHE A 532 8.74 7.83 21.97
N ASN A 533 8.45 7.50 23.22
CA ASN A 533 8.27 6.10 23.59
C ASN A 533 6.98 5.52 23.02
N LEU A 534 5.92 6.32 23.00
CA LEU A 534 4.66 5.86 22.45
C LEU A 534 4.92 5.46 21.00
N VAL A 535 5.77 6.23 20.34
CA VAL A 535 6.14 5.92 18.97
C VAL A 535 7.04 4.69 18.92
N LYS A 536 8.07 4.67 19.77
CA LYS A 536 9.00 3.56 19.80
C LYS A 536 8.43 2.25 20.30
N THR A 537 7.28 2.29 20.97
CA THR A 537 6.72 1.04 21.48
C THR A 537 5.27 0.78 21.10
N ALA A 538 4.84 1.31 19.95
CA ALA A 538 3.48 1.11 19.50
C ALA A 538 3.21 -0.36 19.10
N THR A 539 1.97 -0.81 19.30
CA THR A 539 1.58 -2.18 18.97
C THR A 539 0.12 -2.19 18.58
N LEU A 540 -0.32 -3.20 17.85
CA LEU A 540 -1.72 -3.28 17.45
C LEU A 540 -2.47 -3.54 18.75
N LYS A 541 -1.95 -4.49 19.52
CA LYS A 541 -2.53 -4.86 20.80
C LYS A 541 -2.71 -3.67 21.73
N LYS A 542 -1.83 -2.68 21.61
CA LYS A 542 -1.93 -1.51 22.45
C LYS A 542 -2.81 -0.45 21.79
N LEU A 543 -2.83 -0.40 20.46
CA LEU A 543 -3.66 0.59 19.79
C LEU A 543 -5.10 0.30 20.12
N VAL A 544 -5.36 -0.91 20.59
CA VAL A 544 -6.70 -1.30 20.93
C VAL A 544 -6.93 -1.28 22.42
N CYS A 545 -6.48 -2.32 23.10
CA CYS A 545 -6.66 -2.48 24.53
C CYS A 545 -6.33 -1.29 25.44
N LEU A 546 -5.78 -0.23 24.86
CA LEU A 546 -5.49 0.97 25.64
C LEU A 546 -6.55 2.02 25.33
N ASN A 547 -7.52 1.64 24.52
CA ASN A 547 -8.61 2.52 24.17
C ASN A 547 -9.91 1.74 24.24
N THR A 548 -9.98 0.74 25.11
CA THR A 548 -11.18 -0.06 25.27
C THR A 548 -11.34 -0.48 26.74
N LYS A 549 -12.51 -0.99 27.08
CA LYS A 549 -12.76 -1.41 28.45
C LYS A 549 -12.12 -2.74 28.72
N THR A 550 -12.18 -3.62 27.73
CA THR A 550 -11.59 -4.93 27.91
C THR A 550 -10.66 -5.30 26.77
N CYS A 551 -9.82 -6.28 27.04
CA CYS A 551 -8.85 -6.68 26.05
C CYS A 551 -9.20 -7.96 25.32
N PRO A 552 -9.73 -7.82 24.10
CA PRO A 552 -10.15 -8.90 23.21
C PRO A 552 -8.95 -9.48 22.47
N TYR A 553 -9.21 -10.41 21.56
CA TYR A 553 -8.11 -10.97 20.80
C TYR A 553 -7.90 -10.07 19.59
N VAL A 554 -6.66 -9.62 19.44
CA VAL A 554 -6.30 -8.76 18.34
C VAL A 554 -4.91 -9.07 17.82
N SER A 555 -4.83 -9.29 16.51
CA SER A 555 -3.59 -9.57 15.81
C SER A 555 -3.84 -9.53 14.30
N PHE A 556 -2.76 -9.58 13.53
CA PHE A 556 -2.86 -9.55 12.08
C PHE A 556 -2.98 -10.97 11.54
N HIS A 557 -3.21 -11.91 12.43
CA HIS A 557 -3.35 -13.29 12.01
C HIS A 557 -4.24 -14.06 12.96
N VAL A 558 -4.90 -15.06 12.41
CA VAL A 558 -5.80 -15.89 13.19
C VAL A 558 -5.04 -16.64 14.27
N PRO A 559 -5.69 -16.92 15.39
CA PRO A 559 -5.02 -17.65 16.48
C PRO A 559 -5.05 -19.14 16.12
N ASP A 560 -4.30 -19.96 16.85
CA ASP A 560 -4.36 -21.40 16.58
C ASP A 560 -3.90 -21.79 15.15
C1 NAG B . 19.22 -1.85 -29.29
C2 NAG B . 19.78 -3.07 -30.03
C3 NAG B . 19.25 -3.15 -31.45
C4 NAG B . 17.75 -3.28 -31.32
C5 NAG B . 17.26 -1.97 -30.72
C6 NAG B . 15.75 -1.84 -30.63
C7 NAG B . 21.89 -3.85 -29.20
C8 NAG B . 23.27 -3.39 -28.75
N2 NAG B . 21.24 -3.05 -30.03
O3 NAG B . 19.80 -4.29 -32.09
O4 NAG B . 17.08 -3.60 -32.56
O5 NAG B . 17.78 -1.86 -29.36
O6 NAG B . 15.11 -3.11 -30.62
O7 NAG B . 21.43 -4.92 -28.79
C1 NDG B . 17.43 -2.96 -33.77
C2 NDG B . 16.31 -3.13 -34.80
C3 NDG B . 16.08 -4.59 -35.17
C4 NDG B . 17.38 -5.43 -35.31
C5 NDG B . 18.52 -5.00 -34.36
C6 NDG B . 19.89 -5.53 -34.78
C7 NDG B . 15.01 -1.28 -33.96
C8 NDG B . 13.84 -0.88 -33.06
O5 NDG B . 18.62 -3.56 -34.28
O3 NDG B . 15.38 -4.63 -36.40
O4 NDG B . 17.06 -6.80 -35.04
O6 NDG B . 19.86 -6.04 -36.11
O7 NDG B . 15.87 -0.44 -34.29
N2 NDG B . 15.06 -2.56 -34.34
C1 NAG C . -2.12 20.12 -11.98
C2 NAG C . -2.75 21.44 -11.55
C3 NAG C . -4.20 21.51 -11.95
C4 NAG C . -4.34 21.29 -13.45
C5 NAG C . -3.67 19.97 -13.86
C6 NAG C . -3.61 19.91 -15.38
C7 NAG C . -2.04 22.71 -9.64
C8 NAG C . -2.31 23.06 -8.19
N2 NAG C . -2.62 21.61 -10.12
O3 NAG C . -4.71 22.80 -11.64
O4 NAG C . -5.74 21.29 -13.81
O5 NAG C . -2.30 19.91 -13.40
O6 NAG C . -3.12 18.66 -15.84
O7 NAG C . -1.31 23.43 -10.33
C1 NAG C . -6.09 21.67 -15.10
C2 NAG C . -7.60 21.59 -15.31
C3 NAG C . -7.86 21.81 -16.81
C4 NAG C . -7.45 23.30 -17.08
C5 NAG C . -5.95 23.48 -16.70
C6 NAG C . -5.51 24.93 -16.79
C7 NAG C . -7.65 19.18 -15.03
C8 NAG C . -7.78 18.11 -13.94
N2 NAG C . -8.20 20.36 -14.80
O3 NAG C . -9.23 21.57 -17.10
O4 NAG C . -7.65 23.77 -18.46
O5 NAG C . -5.68 23.03 -15.34
O6 NAG C . -5.66 25.61 -15.55
O7 NAG C . -7.05 18.91 -16.09
C1 BMA C . -8.59 23.23 -19.36
C2 BMA C . -10.07 23.49 -18.89
C3 BMA C . -10.68 24.83 -19.34
C4 BMA C . -9.73 25.62 -20.21
C5 BMA C . -9.21 24.67 -21.29
C6 BMA C . -8.54 25.35 -22.49
O2 BMA C . -10.16 23.44 -17.48
O3 BMA C . -11.04 25.62 -18.22
O4 BMA C . -10.41 26.72 -20.79
O5 BMA C . -8.27 23.72 -20.71
O6 BMA C . -8.50 26.80 -22.33
C1 BMA C . -8.63 27.53 -23.52
C2 BMA C . -9.02 29.02 -23.23
C3 BMA C . -8.29 29.93 -24.25
C4 BMA C . -6.78 29.82 -24.05
C5 BMA C . -6.35 28.33 -24.05
C6 BMA C . -5.71 27.86 -22.73
O2 BMA C . -8.67 29.38 -21.90
O3 BMA C . -8.70 31.33 -24.19
O4 BMA C . -6.14 30.51 -25.10
O5 BMA C . -7.47 27.44 -24.37
O6 BMA C . -5.54 28.92 -21.81
C1 MAN C . -9.11 31.91 -22.98
C2 MAN C . -10.62 32.24 -23.03
C3 MAN C . -11.12 32.70 -21.65
C4 MAN C . -9.95 33.22 -20.79
C5 MAN C . -8.98 34.00 -21.70
C6 MAN C . -7.88 34.70 -20.91
O2 MAN C . -11.36 31.09 -23.45
O3 MAN C . -11.72 31.61 -20.98
O4 MAN C . -10.44 34.07 -19.75
O5 MAN C . -8.35 33.09 -22.64
O6 MAN C . -8.39 35.28 -19.71
C1 NAG D . -26.95 -4.08 10.30
C2 NAG D . -28.07 -4.92 9.65
C3 NAG D . -29.05 -5.42 10.73
C4 NAG D . -28.28 -6.13 11.86
C5 NAG D . -27.23 -5.17 12.43
C6 NAG D . -26.40 -5.78 13.56
C7 NAG D . -28.70 -4.32 7.39
C8 NAG D . -28.33 -3.12 6.54
N2 NAG D . -28.81 -4.12 8.70
O3 NAG D . -29.98 -6.31 10.15
O4 NAG D . -29.17 -6.57 12.90
O5 NAG D . -26.31 -4.79 11.38
O6 NAG D . -25.68 -4.79 14.26
O7 NAG D . -28.89 -5.41 6.86
C1 NAG D . -28.98 -7.89 13.31
C2 NAG D . -29.61 -8.10 14.70
C3 NAG D . -29.55 -9.58 15.12
C4 NAG D . -30.25 -10.40 14.03
C5 NAG D . -29.48 -10.16 12.74
C6 NAG D . -29.96 -10.99 11.56
C7 NAG D . -29.67 -6.32 16.30
C8 NAG D . -29.88 -6.47 17.81
N2 NAG D . -28.95 -7.25 15.69
O3 NAG D . -30.21 -9.77 16.38
O4 NAG D . -30.28 -11.79 14.38
O5 NAG D . -29.58 -8.77 12.35
O6 NAG D . -29.61 -10.35 10.34
O7 NAG D . -30.19 -5.37 15.68
C2 BGC E . 16.58 -22.24 -3.70
C3 BGC E . 15.23 -22.95 -3.67
C4 BGC E . 14.16 -22.11 -4.38
C5 BGC E . 14.63 -21.92 -5.82
C6 BGC E . 13.64 -21.18 -6.71
C1 BGC E . 16.95 -21.85 -5.17
O1 BGC E . 18.06 -21.03 -5.19
O2 BGC E . 17.59 -23.09 -3.15
O3 BGC E . 14.83 -23.16 -2.32
O4 BGC E . 12.89 -22.77 -4.33
O5 BGC E . 15.86 -21.16 -5.82
O6 BGC E . 12.49 -20.80 -5.97
C1 BOG F . 15.78 -7.29 -1.71
O1 BOG F . 16.10 -7.00 -0.38
C2 BOG F . 16.65 -6.47 -2.67
O2 BOG F . 16.56 -5.10 -2.37
C3 BOG F . 16.15 -6.74 -4.09
O3 BOG F . 16.90 -5.98 -5.02
C4 BOG F . 16.28 -8.24 -4.38
O4 BOG F . 15.75 -8.53 -5.68
C5 BOG F . 15.53 -9.05 -3.31
O5 BOG F . 15.97 -8.69 -1.97
C6 BOG F . 15.73 -10.56 -3.44
O6 BOG F . 14.56 -11.27 -3.03
C1' BOG F . 16.84 -7.98 0.38
C2' BOG F . 18.31 -7.55 0.44
C3' BOG F . 19.10 -8.49 1.31
C4' BOG F . 18.41 -8.69 2.64
C5' BOG F . 19.29 -9.44 3.61
C6' BOG F . 19.73 -10.76 3.01
C7' BOG F . 18.54 -11.54 2.57
C8' BOG F . 18.97 -12.88 2.09
C1 BOG G . 20.43 -3.76 -7.52
O1 BOG G . 20.27 -4.64 -6.45
C2 BOG G . 19.04 -3.38 -8.14
O2 BOG G . 18.42 -4.53 -8.70
C3 BOG G . 19.26 -2.33 -9.23
O3 BOG G . 18.05 -2.01 -9.89
C4 BOG G . 19.90 -1.10 -8.59
O4 BOG G . 20.03 -0.04 -9.53
C5 BOG G . 21.28 -1.53 -8.02
O5 BOG G . 21.12 -2.59 -7.03
C6 BOG G . 22.04 -0.39 -7.31
O6 BOG G . 23.12 0.11 -8.09
C1' BOG G . 21.43 -5.44 -6.11
C2' BOG G . 21.01 -6.91 -5.85
C3' BOG G . 20.93 -7.22 -4.36
C4' BOG G . 22.22 -7.89 -3.87
C5' BOG G . 22.32 -8.02 -2.33
C6' BOG G . 21.83 -9.37 -1.79
C7' BOG G . 22.59 -9.79 -0.51
C8' BOG G . 22.61 -8.68 0.54
CO COH H . -11.67 -1.19 -2.62
CHA COH H . -11.56 1.13 -5.07
CHB COH H . -15.08 -1.51 -3.20
CHC COH H . -11.91 -3.47 -0.21
CHD COH H . -8.32 -0.83 -2.04
NA COH H . -13.10 -0.40 -3.87
C1A COH H . -12.84 0.60 -4.86
C2A COH H . -14.11 0.99 -5.62
C3A COH H . -15.17 0.19 -5.05
C4A COH H . -14.43 -0.63 -3.98
CMA COH H . -16.65 0.16 -5.41
CAA COH H . -14.32 2.06 -6.80
CBA COH H . -14.16 1.52 -8.25
CGA COH H . -12.77 0.94 -8.59
O1A COH H . -11.74 1.68 -8.48
O2A COH H . -12.70 -0.24 -9.03
NB COH H . -13.18 -2.24 -1.89
C1B COH H . -14.55 -2.28 -2.21
C2B COH H . -15.33 -3.22 -1.39
C3B COH H . -14.44 -3.78 -0.54
C4B COH H . -13.12 -3.17 -0.86
CMB COH H . -16.82 -3.47 -1.51
CAB COH H . -14.74 -4.79 0.49
CBB COH H . -15.61 -4.62 1.55
NC COH H . -10.31 -1.98 -1.38
C1C COH H . -10.63 -2.94 -0.43
C2C COH H . -9.43 -3.33 0.30
C3C COH H . -8.40 -2.55 -0.23
C4C COH H . -9.00 -1.76 -1.24
CMC COH H . -9.33 -4.41 1.43
CAC COH H . -7.00 -2.49 0.09
CBC COH H . -5.99 -3.50 -0.16
ND COH H . -10.21 -0.09 -3.38
C1D COH H . -8.91 -0.01 -3.06
C2D COH H . -8.16 1.03 -3.97
C3D COH H . -9.12 1.52 -4.78
C4D COH H . -10.36 0.87 -4.44
CMD COH H . -6.66 1.31 -3.82
CAD COH H . -8.98 2.51 -6.02
CBD COH H . -9.39 3.99 -5.77
CGD COH H . -8.49 4.81 -4.88
O1D COH H . -8.73 4.85 -3.64
O2D COH H . -7.56 5.45 -5.43
C1 EIC I . 11.01 -6.81 2.31
C2 EIC I . 9.62 -6.80 2.93
C3 EIC I . 8.61 -7.59 2.09
C4 EIC I . 7.20 -7.08 2.27
C5 EIC I . 6.27 -7.73 1.27
C6 EIC I . 5.07 -6.84 1.01
C7 EIC I . 5.46 -5.51 0.37
C8 EIC I . 4.59 -4.41 0.95
C9 EIC I . 3.12 -4.67 1.18
C10 EIC I . 2.25 -3.68 1.58
C11 EIC I . 2.70 -2.27 1.81
C12 EIC I . 2.21 -1.53 3.07
C13 EIC I . 2.35 -0.17 3.17
C14 EIC I . 2.97 0.61 2.06
C15 EIC I . 2.70 2.07 1.89
C16 EIC I . 3.32 2.90 2.99
C17 EIC I . 3.02 4.38 2.74
C18 EIC I . 3.43 4.82 1.31
O1 EIC I . 11.48 -7.90 1.93
O2 EIC I . 11.62 -5.72 2.19
#